data_3G7G
#
_entry.id   3G7G
#
_cell.length_a   67.048
_cell.length_b   166.841
_cell.length_c   66.974
_cell.angle_alpha   90.00
_cell.angle_beta   119.06
_cell.angle_gamma   90.00
#
_symmetry.space_group_name_H-M   'P 1 21 1'
#
loop_
_entity.id
_entity.type
_entity.pdbx_description
1 polymer 'UPF0311 protein CA_C3321'
2 water water
#
_entity_poly.entity_id   1
_entity_poly.type   'polypeptide(L)'
_entity_poly.pdbx_seq_one_letter_code
;MDITNIKEMNYEEVFSITITVDKPILIGQDDIVGRRQLIPIISGKVSGNNFNGKVLPGGIDSQIVRPDGKCELSARYAIR
LDDGAAIYIENNGIRTVPDEYIEAVKSGEFVDPNAYYFRTIPTFETYSPKYKWMMNHIFVCCASRLPENVLLKFYKIS
;
_entity_poly.pdbx_strand_id   A,B,D,E,C,F,G,H
#
# COMPACT_ATOMS: atom_id res chain seq x y z
N GLU A 8 -37.27 17.34 22.52
CA GLU A 8 -36.09 17.28 21.58
C GLU A 8 -34.83 16.87 22.36
N MET A 9 -33.67 17.04 21.72
CA MET A 9 -32.42 16.69 22.35
C MET A 9 -31.85 17.90 23.10
N ASN A 10 -31.69 17.71 24.40
CA ASN A 10 -31.04 18.68 25.26
C ASN A 10 -29.67 18.16 25.67
N TYR A 11 -28.80 19.11 26.02
CA TYR A 11 -27.41 18.83 26.33
C TYR A 11 -26.81 19.97 27.14
N GLU A 12 -25.68 19.68 27.79
CA GLU A 12 -24.98 20.58 28.67
C GLU A 12 -23.53 20.54 28.27
N GLU A 13 -22.89 21.70 28.03
CA GLU A 13 -21.43 21.72 27.95
C GLU A 13 -20.86 21.42 29.32
N VAL A 14 -19.95 20.46 29.41
CA VAL A 14 -19.43 20.07 30.71
C VAL A 14 -18.03 20.61 30.96
N PHE A 15 -17.17 20.57 29.96
CA PHE A 15 -15.83 21.12 30.05
C PHE A 15 -15.19 21.10 28.67
N SER A 16 -14.03 21.72 28.57
CA SER A 16 -13.22 21.71 27.36
C SER A 16 -11.85 21.21 27.72
N ILE A 17 -11.15 20.73 26.71
CA ILE A 17 -9.72 20.45 26.86
C ILE A 17 -9.01 21.07 25.67
N THR A 18 -7.95 21.84 25.94
CA THR A 18 -7.06 22.28 24.87
C THR A 18 -5.81 21.42 24.97
N ILE A 19 -5.52 20.69 23.90
CA ILE A 19 -4.44 19.72 23.87
C ILE A 19 -3.33 20.12 22.91
N THR A 20 -2.09 20.00 23.37
CA THR A 20 -0.92 20.10 22.53
C THR A 20 -0.50 18.69 22.15
N VAL A 21 -0.31 18.45 20.86
CA VAL A 21 0.13 17.16 20.36
C VAL A 21 1.50 17.25 19.72
N ASP A 22 2.26 16.15 19.79
CA ASP A 22 3.52 16.05 19.07
C ASP A 22 3.27 15.79 17.58
N LYS A 23 4.36 15.66 16.82
CA LYS A 23 4.26 15.29 15.41
C LYS A 23 3.77 13.85 15.31
N PRO A 24 3.00 13.53 14.25
CA PRO A 24 2.50 12.18 14.03
C PRO A 24 3.62 11.17 13.97
N ILE A 25 3.36 9.96 14.46
CA ILE A 25 4.23 8.83 14.21
C ILE A 25 3.57 8.06 13.09
N LEU A 26 4.04 8.29 11.88
CA LEU A 26 3.57 7.57 10.72
C LEU A 26 3.96 6.10 10.77
N ILE A 27 2.95 5.23 10.80
CA ILE A 27 3.16 3.78 10.77
C ILE A 27 3.17 3.30 9.32
N GLY A 28 2.13 3.57 8.58
CA GLY A 28 2.06 3.01 7.27
C GLY A 28 0.89 3.49 6.48
N GLN A 29 0.96 3.30 5.17
CA GLN A 29 -0.15 3.68 4.29
C GLN A 29 -0.23 2.75 3.08
N ASP A 30 -1.47 2.53 2.63
CA ASP A 30 -1.77 1.94 1.35
C ASP A 30 -3.15 2.41 0.88
N ASP A 31 -3.54 2.01 -0.32
CA ASP A 31 -4.79 2.51 -0.94
C ASP A 31 -6.09 1.69 -0.64
N ILE A 32 -6.06 0.73 0.31
CA ILE A 32 -7.28 0.07 0.81
C ILE A 32 -7.57 0.41 2.28
N VAL A 33 -6.55 0.22 3.15
CA VAL A 33 -6.70 0.52 4.58
C VAL A 33 -6.54 2.00 4.85
N GLY A 34 -5.66 2.66 4.11
CA GLY A 34 -5.41 4.07 4.35
C GLY A 34 -4.11 4.28 5.11
N ARG A 35 -4.00 5.44 5.73
CA ARG A 35 -2.81 5.91 6.42
C ARG A 35 -3.01 5.89 7.94
N ARG A 36 -2.22 5.06 8.62
CA ARG A 36 -2.23 4.91 10.08
C ARG A 36 -1.11 5.71 10.70
N GLN A 37 -1.45 6.52 11.69
CA GLN A 37 -0.45 7.21 12.48
C GLN A 37 -0.87 7.28 13.94
N LEU A 38 0.12 7.38 14.84
CA LEU A 38 -0.09 7.57 16.27
C LEU A 38 0.34 8.99 16.65
N ILE A 39 -0.58 9.74 17.28
CA ILE A 39 -0.32 11.11 17.69
C ILE A 39 -0.16 11.17 19.21
N PRO A 40 1.08 11.43 19.70
CA PRO A 40 1.28 11.63 21.13
C PRO A 40 0.63 12.91 21.61
N ILE A 41 0.09 12.88 22.83
CA ILE A 41 -0.50 14.07 23.45
C ILE A 41 0.54 14.60 24.45
N ILE A 42 1.15 15.75 24.18
CA ILE A 42 2.21 16.25 25.05
C ILE A 42 1.58 16.75 26.37
N SER A 43 0.47 17.46 26.26
CA SER A 43 -0.07 18.15 27.42
C SER A 43 -1.44 18.64 27.07
N GLY A 44 -2.14 19.18 28.05
CA GLY A 44 -3.48 19.66 27.84
C GLY A 44 -4.08 20.25 29.10
N LYS A 45 -4.89 21.27 28.89
CA LYS A 45 -5.50 21.96 29.98
C LYS A 45 -6.99 21.73 29.94
N VAL A 46 -7.54 21.30 31.08
CA VAL A 46 -8.96 20.99 31.22
C VAL A 46 -9.62 22.18 31.90
N SER A 47 -10.71 22.67 31.33
CA SER A 47 -11.43 23.76 31.96
C SER A 47 -12.94 23.70 31.74
N GLY A 48 -13.67 24.22 32.71
CA GLY A 48 -15.12 24.12 32.71
C GLY A 48 -15.57 24.37 34.13
N ASN A 49 -16.85 24.68 34.27
CA ASN A 49 -17.37 25.05 35.56
C ASN A 49 -17.21 23.92 36.55
N ASN A 50 -16.49 24.18 37.64
CA ASN A 50 -16.05 23.16 38.59
C ASN A 50 -15.44 21.93 37.94
N PHE A 51 -14.66 22.15 36.88
CA PHE A 51 -14.02 21.05 36.19
C PHE A 51 -12.74 21.55 35.57
N ASN A 52 -11.70 21.69 36.39
CA ASN A 52 -10.40 22.27 35.98
C ASN A 52 -9.23 21.34 36.30
N GLY A 53 -8.39 21.04 35.30
CA GLY A 53 -7.28 20.13 35.52
C GLY A 53 -6.31 20.08 34.38
N LYS A 54 -5.61 18.95 34.27
CA LYS A 54 -4.59 18.78 33.26
C LYS A 54 -4.69 17.37 32.70
N VAL A 55 -4.18 17.20 31.48
CA VAL A 55 -3.98 15.89 30.88
C VAL A 55 -2.73 15.25 31.46
N LEU A 56 -2.79 13.95 31.71
CA LEU A 56 -1.65 13.20 32.30
C LEU A 56 -0.76 12.61 31.18
N PRO A 57 0.42 12.07 31.54
CA PRO A 57 1.24 11.40 30.50
C PRO A 57 0.59 10.14 29.96
N GLY A 58 1.03 9.69 28.80
CA GLY A 58 0.61 8.40 28.26
C GLY A 58 -0.40 8.42 27.14
N GLY A 59 -0.83 9.62 26.75
CA GLY A 59 -1.91 9.81 25.81
C GLY A 59 -1.49 9.65 24.37
N ILE A 60 -2.26 8.86 23.64
CA ILE A 60 -2.03 8.66 22.22
C ILE A 60 -3.38 8.68 21.50
N ASP A 61 -3.44 9.41 20.38
CA ASP A 61 -4.54 9.27 19.42
C ASP A 61 -4.11 8.35 18.25
N SER A 62 -4.73 7.19 18.15
CA SER A 62 -4.52 6.32 17.04
C SER A 62 -5.53 6.67 15.94
N GLN A 63 -5.01 7.04 14.77
CA GLN A 63 -5.80 7.58 13.67
C GLN A 63 -5.54 6.83 12.37
N ILE A 64 -6.58 6.70 11.57
CA ILE A 64 -6.41 6.18 10.25
C ILE A 64 -7.20 7.06 9.27
N VAL A 65 -6.53 7.56 8.24
CA VAL A 65 -7.16 8.31 7.16
C VAL A 65 -7.45 7.29 6.05
N ARG A 66 -8.73 7.03 5.87
CA ARG A 66 -9.18 6.04 4.92
C ARG A 66 -8.93 6.52 3.47
N PRO A 67 -8.83 5.59 2.51
CA PRO A 67 -8.61 6.02 1.13
C PRO A 67 -9.57 7.11 0.64
N ASP A 68 -10.82 7.10 1.08
CA ASP A 68 -11.81 8.12 0.67
C ASP A 68 -11.66 9.45 1.40
N GLY A 69 -10.68 9.56 2.27
CA GLY A 69 -10.41 10.82 2.93
C GLY A 69 -10.90 10.94 4.36
N LYS A 70 -11.78 10.05 4.81
CA LYS A 70 -12.31 10.11 6.18
C LYS A 70 -11.28 9.66 7.19
N CYS A 71 -11.08 10.45 8.24
CA CYS A 71 -10.20 10.08 9.34
C CYS A 71 -11.02 9.49 10.50
N GLU A 72 -10.68 8.27 10.89
CA GLU A 72 -11.23 7.59 12.08
C GLU A 72 -10.24 7.74 13.22
N LEU A 73 -10.69 8.34 14.32
CA LEU A 73 -9.86 8.67 15.47
C LEU A 73 -10.24 7.86 16.71
N SER A 74 -9.23 7.37 17.42
CA SER A 74 -9.42 6.70 18.71
C SER A 74 -8.32 7.09 19.67
N ALA A 75 -8.64 7.96 20.60
CA ALA A 75 -7.67 8.50 21.60
C ALA A 75 -7.84 7.88 22.99
N ARG A 76 -6.74 7.53 23.63
CA ARG A 76 -6.77 7.05 24.99
C ARG A 76 -5.81 7.87 25.78
N TYR A 77 -6.36 8.57 26.77
CA TYR A 77 -5.61 9.43 27.67
C TYR A 77 -6.41 9.66 28.94
N ALA A 78 -5.87 10.47 29.86
CA ALA A 78 -6.42 10.63 31.19
C ALA A 78 -6.18 12.04 31.64
N ILE A 79 -7.04 12.49 32.53
CA ILE A 79 -6.92 13.82 33.07
C ILE A 79 -6.92 13.68 34.57
N ARG A 80 -6.31 14.65 35.23
CA ARG A 80 -6.29 14.76 36.64
C ARG A 80 -6.89 16.10 36.98
N LEU A 81 -7.93 16.10 37.79
CA LEU A 81 -8.53 17.31 38.24
C LEU A 81 -7.84 17.87 39.48
N ASP A 82 -8.09 19.14 39.72
CA ASP A 82 -7.46 19.87 40.79
C ASP A 82 -7.88 19.40 42.19
N ASP A 83 -9.00 18.69 42.32
CA ASP A 83 -9.36 18.05 43.57
C ASP A 83 -8.72 16.67 43.73
N GLY A 84 -7.86 16.29 42.79
CA GLY A 84 -7.10 15.04 42.84
C GLY A 84 -7.71 13.83 42.12
N ALA A 85 -8.96 13.94 41.67
CA ALA A 85 -9.66 12.85 40.94
C ALA A 85 -9.11 12.67 39.54
N ALA A 86 -9.10 11.42 39.05
CA ALA A 86 -8.68 11.13 37.70
C ALA A 86 -9.88 10.69 36.88
N ILE A 87 -9.77 10.90 35.57
CA ILE A 87 -10.72 10.40 34.59
C ILE A 87 -9.93 9.88 33.41
N TYR A 88 -10.23 8.64 33.04
CA TYR A 88 -9.67 7.97 31.90
C TYR A 88 -10.67 8.07 30.75
N ILE A 89 -10.17 8.51 29.61
CA ILE A 89 -11.01 8.87 28.47
C ILE A 89 -10.63 8.02 27.28
N GLU A 90 -11.62 7.35 26.68
CA GLU A 90 -11.52 6.75 25.36
C GLU A 90 -12.44 7.58 24.46
N ASN A 91 -11.87 8.28 23.48
CA ASN A 91 -12.62 9.23 22.64
C ASN A 91 -12.52 8.79 21.19
N ASN A 92 -13.65 8.35 20.60
CA ASN A 92 -13.61 7.75 19.26
C ASN A 92 -14.49 8.56 18.37
N GLY A 93 -13.96 8.95 17.22
CA GLY A 93 -14.70 9.81 16.35
C GLY A 93 -14.23 9.87 14.93
N ILE A 94 -14.76 10.87 14.23
CA ILE A 94 -14.44 11.05 12.80
C ILE A 94 -14.12 12.48 12.47
N ARG A 95 -13.33 12.62 11.41
CA ARG A 95 -12.97 13.94 10.90
C ARG A 95 -12.96 13.86 9.38
N THR A 96 -13.84 14.63 8.76
CA THR A 96 -14.00 14.65 7.33
C THR A 96 -13.83 16.08 6.85
N VAL A 97 -13.57 16.22 5.55
CA VAL A 97 -13.55 17.52 4.84
C VAL A 97 -14.33 17.38 3.54
N PRO A 98 -14.82 18.50 2.98
CA PRO A 98 -15.40 18.44 1.62
C PRO A 98 -14.43 17.94 0.54
N ASP A 99 -15.02 17.47 -0.56
CA ASP A 99 -14.27 16.76 -1.62
C ASP A 99 -13.11 17.58 -2.13
N GLU A 100 -13.34 18.88 -2.25
CA GLU A 100 -12.32 19.81 -2.73
C GLU A 100 -11.07 19.89 -1.85
N TYR A 101 -11.14 19.41 -0.61
CA TYR A 101 -9.96 19.42 0.27
C TYR A 101 -9.35 18.06 0.52
N ILE A 102 -9.95 17.00 -0.03
CA ILE A 102 -9.46 15.64 0.20
C ILE A 102 -8.01 15.42 -0.20
N GLU A 103 -7.60 15.86 -1.38
CA GLU A 103 -6.21 15.69 -1.80
C GLU A 103 -5.27 16.37 -0.85
N ALA A 104 -5.71 17.49 -0.32
CA ALA A 104 -4.90 18.24 0.60
C ALA A 104 -4.72 17.41 1.84
N VAL A 105 -5.81 16.82 2.30
CA VAL A 105 -5.77 15.99 3.50
C VAL A 105 -4.79 14.81 3.35
N LYS A 106 -4.52 14.43 2.11
CA LYS A 106 -3.74 13.27 1.80
C LYS A 106 -2.21 13.31 1.79
N SER A 107 -1.54 14.26 1.12
CA SER A 107 -0.16 14.70 1.30
C SER A 107 -0.06 15.53 2.56
N GLY A 108 -1.20 15.82 3.17
CA GLY A 108 -1.25 16.59 4.40
C GLY A 108 -0.92 18.05 4.19
N GLU A 109 -1.62 18.69 3.24
CA GLU A 109 -1.40 20.11 2.96
C GLU A 109 -2.36 20.87 3.85
N PHE A 110 -2.19 22.19 3.91
CA PHE A 110 -3.07 23.03 4.70
C PHE A 110 -4.54 22.92 4.27
N VAL A 111 -5.40 22.55 5.22
CA VAL A 111 -6.83 22.74 5.09
C VAL A 111 -7.32 23.66 6.20
N ASP A 112 -8.15 24.64 5.81
CA ASP A 112 -8.73 25.60 6.74
C ASP A 112 -9.57 24.86 7.80
N PRO A 113 -9.34 25.14 9.10
CA PRO A 113 -10.09 24.59 10.25
C PRO A 113 -11.60 24.57 10.10
N ASN A 114 -12.16 25.60 9.45
CA ASN A 114 -13.61 25.70 9.27
C ASN A 114 -14.15 24.71 8.23
N ALA A 115 -13.24 24.10 7.48
CA ALA A 115 -13.61 23.09 6.50
C ALA A 115 -13.99 21.73 7.14
N TYR A 116 -13.48 21.45 8.34
CA TYR A 116 -13.66 20.13 8.96
C TYR A 116 -15.01 19.88 9.62
N TYR A 117 -15.55 18.67 9.41
CA TYR A 117 -16.48 18.03 10.32
C TYR A 117 -15.64 17.18 11.27
N PHE A 118 -15.67 17.47 12.55
CA PHE A 118 -14.78 16.83 13.52
C PHE A 118 -15.59 16.57 14.81
N ARG A 119 -16.13 15.35 14.93
CA ARG A 119 -17.01 14.98 16.03
C ARG A 119 -16.65 13.62 16.55
N THR A 120 -16.82 13.44 17.86
CA THR A 120 -16.43 12.22 18.55
C THR A 120 -17.40 11.90 19.72
N ILE A 121 -17.34 10.64 20.15
CA ILE A 121 -18.06 10.14 21.29
C ILE A 121 -17.02 9.67 22.35
N PRO A 122 -16.91 10.41 23.47
CA PRO A 122 -16.11 9.97 24.61
C PRO A 122 -16.84 9.01 25.58
N THR A 123 -16.06 8.04 26.06
CA THR A 123 -16.38 7.12 27.14
C THR A 123 -15.45 7.45 28.30
N PHE A 124 -16.00 7.55 29.51
CA PHE A 124 -15.22 7.86 30.69
C PHE A 124 -15.17 6.74 31.71
N GLU A 125 -14.05 6.68 32.42
CA GLU A 125 -13.87 5.79 33.56
C GLU A 125 -13.40 6.64 34.74
N THR A 126 -14.12 6.59 35.85
CA THR A 126 -13.88 7.45 37.01
C THR A 126 -13.83 6.57 38.28
N TYR A 127 -13.27 7.09 39.39
CA TYR A 127 -12.93 6.28 40.57
C TYR A 127 -13.40 6.91 41.87
N SER A 128 -14.49 7.65 41.77
CA SER A 128 -15.01 8.38 42.90
C SER A 128 -16.46 8.65 42.62
N PRO A 129 -17.36 8.51 43.64
CA PRO A 129 -18.77 8.89 43.52
C PRO A 129 -19.09 10.29 42.97
N LYS A 130 -18.19 11.24 43.13
CA LYS A 130 -18.44 12.59 42.65
C LYS A 130 -18.49 12.58 41.13
N TYR A 131 -17.74 11.69 40.50
CA TYR A 131 -17.67 11.64 39.02
C TYR A 131 -18.28 10.38 38.39
N LYS A 132 -19.05 9.59 39.15
CA LYS A 132 -19.61 8.36 38.56
C LYS A 132 -20.69 8.64 37.47
N TRP A 133 -21.29 9.84 37.52
CA TRP A 133 -22.24 10.29 36.52
C TRP A 133 -21.64 10.30 35.12
N MET A 134 -20.32 10.43 35.02
CA MET A 134 -19.63 10.46 33.74
C MET A 134 -19.67 9.08 33.10
N MET A 135 -19.86 8.04 33.93
CA MET A 135 -20.02 6.68 33.41
C MET A 135 -21.51 6.36 33.11
N ASN A 136 -22.42 7.27 33.41
CA ASN A 136 -23.83 6.93 33.30
C ASN A 136 -24.62 7.91 32.47
N HIS A 137 -23.92 8.62 31.60
CA HIS A 137 -24.52 9.46 30.58
C HIS A 137 -23.83 9.25 29.24
N ILE A 138 -24.56 9.61 28.18
CA ILE A 138 -23.99 9.72 26.83
C ILE A 138 -23.48 11.15 26.62
N PHE A 139 -22.35 11.22 25.92
CA PHE A 139 -21.65 12.46 25.64
C PHE A 139 -21.25 12.56 24.18
N VAL A 140 -21.15 13.79 23.73
CA VAL A 140 -20.67 14.13 22.40
C VAL A 140 -19.58 15.16 22.57
N CYS A 141 -18.55 15.02 21.75
CA CYS A 141 -17.43 15.96 21.75
C CYS A 141 -17.29 16.66 20.37
N CYS A 142 -17.26 17.99 20.39
CA CYS A 142 -17.00 18.81 19.21
C CYS A 142 -15.58 19.30 19.25
N ALA A 143 -14.81 19.00 18.21
CA ALA A 143 -13.40 19.29 18.20
C ALA A 143 -13.07 20.18 17.02
N SER A 144 -11.94 20.88 17.13
CA SER A 144 -11.34 21.63 16.01
C SER A 144 -9.83 21.71 16.09
N ARG A 145 -9.21 22.21 15.02
CA ARG A 145 -7.82 22.73 15.08
C ARG A 145 -7.71 24.26 15.07
N GLU A 148 -2.05 24.93 16.14
CA GLU A 148 -1.32 24.98 17.42
C GLU A 148 -1.90 24.10 18.53
N ASN A 149 -3.11 23.57 18.34
CA ASN A 149 -3.76 22.69 19.32
C ASN A 149 -4.96 21.95 18.75
N VAL A 150 -5.52 21.01 19.51
CA VAL A 150 -6.90 20.60 19.27
C VAL A 150 -7.75 21.07 20.44
N LEU A 151 -8.86 21.72 20.14
CA LEU A 151 -9.83 22.18 21.14
C LEU A 151 -10.96 21.18 21.16
N LEU A 152 -11.22 20.59 22.31
CA LEU A 152 -12.33 19.67 22.50
C LEU A 152 -13.33 20.26 23.44
N LYS A 153 -14.59 20.34 23.03
CA LYS A 153 -15.68 20.74 23.90
C LYS A 153 -16.59 19.54 24.13
N PHE A 154 -16.85 19.24 25.39
CA PHE A 154 -17.52 18.01 25.78
C PHE A 154 -18.95 18.34 26.18
N TYR A 155 -19.91 17.57 25.67
CA TYR A 155 -21.33 17.81 25.93
C TYR A 155 -22.01 16.58 26.50
N LYS A 156 -22.68 16.76 27.61
CA LYS A 156 -23.47 15.70 28.19
C LYS A 156 -24.84 15.73 27.55
N ILE A 157 -25.30 14.60 27.04
CA ILE A 157 -26.65 14.49 26.48
C ILE A 157 -27.59 14.24 27.64
N SER A 158 -28.58 15.11 27.75
CA SER A 158 -29.60 15.01 28.77
C SER A 158 -30.75 14.13 28.27
N MET B 9 -23.04 23.59 19.78
CA MET B 9 -23.30 22.23 19.14
C MET B 9 -24.71 22.11 18.52
N ASN B 10 -24.72 21.80 17.24
CA ASN B 10 -25.95 21.68 16.48
C ASN B 10 -26.23 20.27 16.06
N TYR B 11 -27.48 20.01 15.74
CA TYR B 11 -27.92 18.69 15.35
C TYR B 11 -29.20 18.82 14.54
N GLU B 12 -29.55 17.76 13.82
CA GLU B 12 -30.74 17.71 13.00
C GLU B 12 -31.42 16.39 13.30
N GLU B 13 -32.70 16.45 13.69
CA GLU B 13 -33.48 15.24 13.83
C GLU B 13 -33.70 14.68 12.44
N VAL B 14 -33.24 13.47 12.18
CA VAL B 14 -33.29 12.92 10.83
C VAL B 14 -34.39 11.88 10.62
N PHE B 15 -34.64 11.03 11.60
CA PHE B 15 -35.80 10.14 11.53
C PHE B 15 -36.13 9.58 12.90
N SER B 16 -37.22 8.83 12.94
CA SER B 16 -37.72 8.09 14.09
C SER B 16 -38.00 6.64 13.73
N ILE B 17 -37.93 5.76 14.73
CA ILE B 17 -38.43 4.41 14.56
C ILE B 17 -39.27 4.06 15.76
N THR B 18 -40.43 3.47 15.51
CA THR B 18 -41.22 2.87 16.57
C THR B 18 -41.13 1.39 16.36
N ILE B 19 -40.61 0.71 17.37
CA ILE B 19 -40.28 -0.69 17.26
C ILE B 19 -41.21 -1.47 18.15
N THR B 20 -41.69 -2.59 17.64
CA THR B 20 -42.47 -3.49 18.47
C THR B 20 -41.55 -4.65 18.84
N VAL B 21 -41.42 -4.89 20.14
CA VAL B 21 -40.51 -5.90 20.65
C VAL B 21 -41.29 -7.08 21.15
N ASP B 22 -40.65 -8.25 21.18
CA ASP B 22 -41.26 -9.40 21.81
C ASP B 22 -40.82 -9.50 23.28
N LYS B 23 -41.37 -10.47 24.01
CA LYS B 23 -40.94 -10.69 25.39
C LYS B 23 -39.44 -11.04 25.44
N PRO B 24 -38.72 -10.52 26.44
CA PRO B 24 -37.28 -10.81 26.61
C PRO B 24 -36.97 -12.30 26.69
N ILE B 25 -35.88 -12.72 26.07
CA ILE B 25 -35.35 -14.05 26.28
C ILE B 25 -34.32 -13.86 27.38
N LEU B 26 -34.67 -14.21 28.62
CA LEU B 26 -33.77 -14.01 29.76
C LEU B 26 -32.77 -15.13 29.71
N ILE B 27 -31.48 -14.79 29.77
CA ILE B 27 -30.42 -15.79 29.67
C ILE B 27 -29.97 -16.22 31.06
N GLY B 28 -29.69 -15.25 31.90
CA GLY B 28 -29.20 -15.57 33.24
C GLY B 28 -29.04 -14.31 34.03
N GLN B 29 -28.90 -14.47 35.35
CA GLN B 29 -28.62 -13.33 36.23
C GLN B 29 -27.84 -13.76 37.45
N ASP B 30 -26.98 -12.86 37.90
CA ASP B 30 -26.35 -12.99 39.19
C ASP B 30 -26.01 -11.56 39.65
N ASP B 31 -25.41 -11.44 40.84
CA ASP B 31 -25.03 -10.10 41.34
C ASP B 31 -23.54 -9.72 41.17
N ILE B 32 -22.91 -10.30 40.14
CA ILE B 32 -21.60 -9.92 39.63
C ILE B 32 -21.73 -9.26 38.24
N VAL B 33 -22.21 -10.00 37.24
CA VAL B 33 -22.41 -9.41 35.88
C VAL B 33 -23.76 -8.70 35.71
N GLY B 34 -24.77 -9.10 36.48
CA GLY B 34 -26.11 -8.59 36.29
C GLY B 34 -26.96 -9.58 35.51
N ARG B 35 -27.99 -9.08 34.86
CA ARG B 35 -28.99 -9.89 34.18
C ARG B 35 -28.93 -9.71 32.68
N ARG B 36 -28.70 -10.79 31.95
CA ARG B 36 -28.58 -10.77 30.49
C ARG B 36 -29.89 -11.20 29.84
N GLN B 37 -30.34 -10.41 28.88
CA GLN B 37 -31.46 -10.85 28.07
C GLN B 37 -31.36 -10.39 26.65
N LEU B 38 -31.96 -11.19 25.77
CA LEU B 38 -32.12 -10.84 24.35
C LEU B 38 -33.55 -10.41 24.03
N ILE B 39 -33.72 -9.24 23.43
CA ILE B 39 -35.04 -8.74 23.10
C ILE B 39 -35.22 -8.86 21.58
N PRO B 40 -36.09 -9.79 21.11
CA PRO B 40 -36.36 -9.81 19.69
C PRO B 40 -37.20 -8.64 19.22
N ILE B 41 -36.83 -8.08 18.07
CA ILE B 41 -37.61 -7.03 17.42
C ILE B 41 -38.58 -7.68 16.46
N ILE B 42 -39.87 -7.47 16.69
CA ILE B 42 -40.89 -8.05 15.84
C ILE B 42 -41.07 -7.23 14.54
N SER B 43 -41.17 -5.90 14.68
CA SER B 43 -41.49 -5.03 13.58
C SER B 43 -41.13 -3.62 13.98
N GLY B 44 -41.25 -2.70 13.04
CA GLY B 44 -40.83 -1.35 13.30
C GLY B 44 -41.14 -0.44 12.14
N LYS B 45 -41.63 0.74 12.45
CA LYS B 45 -42.03 1.69 11.45
C LYS B 45 -41.02 2.82 11.51
N VAL B 46 -40.39 3.10 10.38
CA VAL B 46 -39.42 4.16 10.23
C VAL B 46 -40.03 5.34 9.48
N SER B 47 -39.83 6.55 10.01
CA SER B 47 -40.40 7.73 9.42
C SER B 47 -39.58 8.99 9.68
N GLY B 48 -39.57 9.86 8.68
CA GLY B 48 -38.71 11.04 8.66
C GLY B 48 -38.73 11.64 7.28
N ASN B 49 -38.20 12.86 7.18
CA ASN B 49 -38.24 13.58 5.94
C ASN B 49 -37.40 12.77 4.96
N ASN B 50 -38.06 12.23 3.93
CA ASN B 50 -37.40 11.42 2.92
C ASN B 50 -36.66 10.22 3.54
N PHE B 51 -37.22 9.67 4.62
CA PHE B 51 -36.59 8.53 5.29
C PHE B 51 -37.73 7.73 5.93
N ASN B 52 -38.34 6.87 5.10
CA ASN B 52 -39.56 6.16 5.45
C ASN B 52 -39.51 4.69 5.04
N GLY B 53 -39.87 3.81 5.97
CA GLY B 53 -39.93 2.38 5.66
C GLY B 53 -40.16 1.57 6.92
N LYS B 54 -39.53 0.40 6.97
CA LYS B 54 -39.79 -0.57 8.01
C LYS B 54 -38.52 -1.25 8.49
N VAL B 55 -38.65 -1.84 9.67
CA VAL B 55 -37.61 -2.64 10.23
C VAL B 55 -37.70 -4.04 9.67
N LEU B 56 -36.55 -4.61 9.32
CA LEU B 56 -36.48 -5.94 8.73
C LEU B 56 -36.43 -7.05 9.78
N PRO B 57 -36.64 -8.32 9.35
CA PRO B 57 -36.44 -9.46 10.24
C PRO B 57 -34.99 -9.60 10.74
N GLY B 58 -34.83 -10.32 11.85
CA GLY B 58 -33.50 -10.69 12.37
C GLY B 58 -32.95 -9.77 13.46
N GLY B 59 -33.80 -8.89 13.96
CA GLY B 59 -33.35 -7.84 14.91
C GLY B 59 -33.35 -8.31 16.36
N ILE B 60 -32.28 -7.98 17.09
CA ILE B 60 -32.14 -8.38 18.49
C ILE B 60 -31.44 -7.28 19.25
N ASP B 61 -32.00 -6.91 20.42
CA ASP B 61 -31.30 -6.04 21.41
C ASP B 61 -30.74 -6.90 22.55
N SER B 62 -29.44 -6.90 22.66
CA SER B 62 -28.77 -7.65 23.66
C SER B 62 -28.49 -6.71 24.82
N GLN B 63 -29.04 -7.05 25.99
CA GLN B 63 -29.05 -6.15 27.13
C GLN B 63 -28.52 -6.83 28.38
N ILE B 64 -27.82 -6.08 29.22
CA ILE B 64 -27.41 -6.52 30.53
C ILE B 64 -27.81 -5.42 31.50
N VAL B 65 -28.64 -5.76 32.50
CA VAL B 65 -28.85 -4.87 33.65
C VAL B 65 -27.84 -5.19 34.75
N ARG B 66 -26.93 -4.26 34.96
CA ARG B 66 -25.85 -4.42 35.91
C ARG B 66 -26.39 -4.44 37.33
N PRO B 67 -25.63 -4.99 38.29
CA PRO B 67 -26.16 -5.11 39.65
C PRO B 67 -26.57 -3.79 40.29
N ASP B 68 -25.91 -2.70 39.92
CA ASP B 68 -26.34 -1.36 40.35
C ASP B 68 -27.60 -0.81 39.60
N GLY B 69 -28.21 -1.60 38.71
CA GLY B 69 -29.42 -1.20 37.99
C GLY B 69 -29.25 -0.53 36.62
N LYS B 70 -28.01 -0.14 36.27
CA LYS B 70 -27.72 0.44 34.94
C LYS B 70 -27.85 -0.60 33.83
N CYS B 71 -28.63 -0.27 32.81
CA CYS B 71 -28.79 -1.14 31.66
C CYS B 71 -27.85 -0.71 30.52
N GLU B 72 -27.13 -1.67 29.97
CA GLU B 72 -26.29 -1.42 28.80
C GLU B 72 -26.93 -2.14 27.64
N LEU B 73 -27.17 -1.45 26.54
CA LEU B 73 -27.91 -2.00 25.44
C LEU B 73 -27.10 -1.97 24.14
N SER B 74 -27.17 -3.07 23.39
CA SER B 74 -26.54 -3.17 22.08
C SER B 74 -27.44 -3.92 21.10
N ALA B 75 -28.09 -3.17 20.21
CA ALA B 75 -29.05 -3.72 19.26
C ALA B 75 -28.43 -3.82 17.87
N ARG B 76 -28.77 -4.90 17.16
CA ARG B 76 -28.36 -5.10 15.80
C ARG B 76 -29.60 -5.38 14.99
N TYR B 77 -29.88 -4.52 14.01
CA TYR B 77 -31.02 -4.73 13.15
C TYR B 77 -30.88 -3.92 11.89
N ALA B 78 -31.77 -4.15 10.95
CA ALA B 78 -31.71 -3.50 9.65
C ALA B 78 -33.06 -2.86 9.34
N ILE B 79 -33.04 -1.85 8.48
CA ILE B 79 -34.25 -1.28 7.95
C ILE B 79 -34.20 -1.24 6.44
N ARG B 80 -35.38 -1.15 5.83
CA ARG B 80 -35.50 -0.95 4.39
C ARG B 80 -36.41 0.20 4.12
N LEU B 81 -35.95 1.11 3.29
CA LEU B 81 -36.70 2.29 2.95
C LEU B 81 -37.61 2.02 1.76
N ASP B 82 -38.57 2.92 1.58
CA ASP B 82 -39.59 2.81 0.56
C ASP B 82 -39.03 3.06 -0.84
N ASP B 83 -37.85 3.65 -0.91
CA ASP B 83 -37.11 3.83 -2.15
C ASP B 83 -36.24 2.60 -2.44
N GLY B 84 -36.29 1.61 -1.56
CA GLY B 84 -35.58 0.36 -1.77
C GLY B 84 -34.24 0.25 -1.08
N ALA B 85 -33.79 1.30 -0.42
CA ALA B 85 -32.47 1.28 0.22
C ALA B 85 -32.55 0.53 1.54
N ALA B 86 -31.51 -0.23 1.84
CA ALA B 86 -31.35 -0.91 3.11
C ALA B 86 -30.19 -0.30 3.90
N ILE B 87 -30.39 -0.22 5.22
CA ILE B 87 -29.41 0.33 6.18
C ILE B 87 -29.26 -0.68 7.34
N TYR B 88 -28.03 -1.07 7.65
CA TYR B 88 -27.79 -1.88 8.84
C TYR B 88 -27.36 -0.99 10.02
N ILE B 89 -27.94 -1.29 11.19
CA ILE B 89 -27.81 -0.45 12.35
C ILE B 89 -27.30 -1.27 13.54
N GLU B 90 -26.28 -0.75 14.18
CA GLU B 90 -25.91 -1.20 15.51
C GLU B 90 -26.10 -0.03 16.44
N ASN B 91 -26.86 -0.22 17.50
CA ASN B 91 -27.27 0.91 18.35
C ASN B 91 -26.86 0.59 19.78
N ASN B 92 -25.87 1.32 20.29
CA ASN B 92 -25.23 1.02 21.57
C ASN B 92 -25.47 2.10 22.57
N GLY B 93 -26.05 1.77 23.73
CA GLY B 93 -26.47 2.84 24.63
C GLY B 93 -26.71 2.41 26.04
N ILE B 94 -27.35 3.28 26.81
CA ILE B 94 -27.58 3.03 28.20
C ILE B 94 -28.97 3.51 28.60
N ARG B 95 -29.47 2.83 29.62
CA ARG B 95 -30.74 3.17 30.25
C ARG B 95 -30.54 3.05 31.76
N THR B 96 -30.72 4.17 32.45
CA THR B 96 -30.59 4.24 33.88
C THR B 96 -31.90 4.76 34.51
N VAL B 97 -32.26 4.25 35.67
CA VAL B 97 -33.44 4.77 36.40
C VAL B 97 -32.96 5.32 37.73
N PRO B 98 -33.72 6.28 38.31
CA PRO B 98 -33.43 6.65 39.69
C PRO B 98 -33.72 5.53 40.71
N ASP B 99 -33.56 5.84 41.99
CA ASP B 99 -33.27 4.85 43.05
C ASP B 99 -34.47 3.93 43.39
N GLU B 100 -35.67 4.50 43.42
CA GLU B 100 -36.88 3.77 43.80
C GLU B 100 -37.38 2.81 42.70
N TYR B 101 -36.73 2.85 41.53
CA TYR B 101 -37.09 1.97 40.42
C TYR B 101 -36.04 0.86 40.16
N ILE B 102 -34.93 0.87 40.89
CA ILE B 102 -33.76 0.01 40.59
C ILE B 102 -33.99 -1.51 40.76
N GLU B 103 -34.70 -1.90 41.82
CA GLU B 103 -34.99 -3.32 42.06
C GLU B 103 -36.09 -3.82 41.11
N ALA B 104 -36.97 -2.92 40.68
CA ALA B 104 -37.91 -3.21 39.59
C ALA B 104 -37.15 -3.54 38.29
N VAL B 105 -36.19 -2.69 37.94
CA VAL B 105 -35.39 -2.85 36.70
C VAL B 105 -34.60 -4.18 36.64
N LYS B 106 -34.10 -4.63 37.79
CA LYS B 106 -33.31 -5.84 37.90
C LYS B 106 -34.17 -7.07 38.19
N PRO B 113 -41.41 5.28 33.42
CA PRO B 113 -41.32 5.45 31.96
C PRO B 113 -40.76 6.82 31.56
N ASN B 114 -41.32 7.89 32.11
CA ASN B 114 -40.65 9.20 32.17
C ASN B 114 -39.36 9.10 33.03
N ALA B 115 -39.34 8.08 33.90
CA ALA B 115 -38.24 7.84 34.81
C ALA B 115 -36.88 7.80 34.10
N TYR B 116 -36.76 6.89 33.16
CA TYR B 116 -35.50 6.54 32.53
C TYR B 116 -34.68 7.69 31.93
N TYR B 117 -33.37 7.59 32.04
CA TYR B 117 -32.48 8.25 31.12
C TYR B 117 -32.15 7.16 30.10
N PHE B 118 -32.43 7.38 28.82
CA PHE B 118 -32.36 6.31 27.82
C PHE B 118 -31.82 6.89 26.52
N ARG B 119 -30.51 6.75 26.30
CA ARG B 119 -29.81 7.35 25.20
C ARG B 119 -28.80 6.39 24.61
N THR B 120 -28.60 6.51 23.30
CA THR B 120 -27.80 5.55 22.59
C THR B 120 -26.99 6.23 21.47
N ILE B 121 -25.96 5.53 20.98
CA ILE B 121 -25.22 5.95 19.79
C ILE B 121 -25.34 4.87 18.72
N PRO B 122 -26.02 5.17 17.60
CA PRO B 122 -26.03 4.28 16.45
C PRO B 122 -24.92 4.51 15.47
N THR B 123 -24.51 3.39 14.87
CA THR B 123 -23.53 3.28 13.78
C THR B 123 -24.30 2.70 12.61
N PHE B 124 -24.12 3.26 11.42
CA PHE B 124 -24.82 2.79 10.23
C PHE B 124 -23.87 2.24 9.16
N GLU B 125 -24.40 1.28 8.38
CA GLU B 125 -23.75 0.69 7.26
C GLU B 125 -24.77 0.79 6.17
N THR B 126 -24.36 1.34 5.04
CA THR B 126 -25.22 1.63 3.90
C THR B 126 -24.54 1.14 2.64
N TYR B 127 -25.32 0.95 1.56
CA TYR B 127 -24.87 0.26 0.34
C TYR B 127 -25.17 1.04 -0.95
N SER B 128 -25.39 2.35 -0.84
CA SER B 128 -25.55 3.20 -2.02
C SER B 128 -25.11 4.61 -1.71
N PRO B 129 -24.68 5.36 -2.76
CA PRO B 129 -24.16 6.72 -2.57
C PRO B 129 -25.12 7.70 -1.95
N LYS B 130 -26.42 7.47 -2.10
CA LYS B 130 -27.42 8.36 -1.55
C LYS B 130 -27.39 8.37 0.01
N TYR B 131 -26.94 7.27 0.62
CA TYR B 131 -26.91 7.15 2.09
C TYR B 131 -25.51 7.11 2.72
N LYS B 132 -24.50 7.44 1.92
CA LYS B 132 -23.12 7.36 2.36
C LYS B 132 -22.88 8.33 3.53
N TRP B 133 -23.62 9.44 3.54
CA TRP B 133 -23.52 10.43 4.61
C TRP B 133 -23.75 9.85 6.01
N MET B 134 -24.54 8.78 6.11
CA MET B 134 -24.84 8.13 7.40
C MET B 134 -23.60 7.46 7.98
N MET B 135 -22.65 7.11 7.12
CA MET B 135 -21.40 6.50 7.60
C MET B 135 -20.34 7.56 7.85
N ASN B 136 -20.68 8.84 7.71
CA ASN B 136 -19.71 9.96 7.79
C ASN B 136 -20.13 11.10 8.71
N HIS B 137 -21.09 10.82 9.59
CA HIS B 137 -21.46 11.72 10.65
C HIS B 137 -21.62 10.91 11.92
N ILE B 138 -21.61 11.64 13.03
CA ILE B 138 -21.89 11.10 14.36
C ILE B 138 -23.38 11.34 14.66
N PHE B 139 -23.98 10.35 15.31
CA PHE B 139 -25.39 10.37 15.63
C PHE B 139 -25.59 10.10 17.12
N VAL B 140 -26.67 10.68 17.65
CA VAL B 140 -27.23 10.32 18.97
C VAL B 140 -28.70 9.93 18.73
N CYS B 141 -29.15 9.00 19.56
CA CYS B 141 -30.51 8.56 19.56
C CYS B 141 -31.14 8.77 20.97
N CYS B 142 -32.26 9.49 21.03
CA CYS B 142 -33.05 9.62 22.25
C CYS B 142 -34.18 8.60 22.22
N ALA B 143 -34.24 7.73 23.22
CA ALA B 143 -35.24 6.66 23.23
C ALA B 143 -36.19 6.71 24.41
N SER B 144 -37.33 6.03 24.26
CA SER B 144 -38.31 5.80 25.30
C SER B 144 -38.88 4.41 25.16
N ARG B 145 -39.24 3.77 26.28
CA ARG B 145 -40.01 2.52 26.18
C ARG B 145 -41.42 2.63 26.78
N LEU B 146 -42.27 1.69 26.36
CA LEU B 146 -43.73 1.81 26.45
C LEU B 146 -44.29 0.41 26.77
N PRO B 147 -45.60 0.15 26.48
CA PRO B 147 -46.09 -1.21 26.22
C PRO B 147 -44.98 -2.28 26.00
N GLU B 148 -44.78 -2.68 24.75
CA GLU B 148 -43.59 -3.41 24.33
C GLU B 148 -43.20 -2.90 22.94
N ASN B 149 -42.76 -1.64 22.93
CA ASN B 149 -42.45 -0.87 21.71
C ASN B 149 -41.71 0.44 22.03
N VAL B 150 -40.41 0.43 21.75
CA VAL B 150 -39.56 1.56 22.06
C VAL B 150 -39.64 2.58 20.93
N LEU B 151 -39.70 3.85 21.30
CA LEU B 151 -39.63 4.96 20.37
C LEU B 151 -38.21 5.50 20.34
N LEU B 152 -37.64 5.57 19.15
CA LEU B 152 -36.27 6.04 18.94
C LEU B 152 -36.26 7.24 18.00
N LYS B 153 -35.67 8.33 18.46
CA LYS B 153 -35.44 9.52 17.65
C LYS B 153 -33.95 9.64 17.35
N PHE B 154 -33.62 9.76 16.06
CA PHE B 154 -32.25 9.84 15.61
C PHE B 154 -31.86 11.26 15.26
N TYR B 155 -30.74 11.71 15.83
CA TYR B 155 -30.20 13.04 15.55
C TYR B 155 -28.81 12.96 14.93
N LYS B 156 -28.66 13.64 13.80
CA LYS B 156 -27.37 13.83 13.17
C LYS B 156 -26.66 14.95 13.87
N ILE B 157 -25.45 14.69 14.35
CA ILE B 157 -24.66 15.76 14.92
C ILE B 157 -24.05 16.55 13.78
N SER B 158 -24.35 17.85 13.80
CA SER B 158 -23.92 18.78 12.80
C SER B 158 -22.64 19.47 13.28
N GLU C 8 -6.62 -31.37 17.07
CA GLU C 8 -7.07 -30.98 15.70
C GLU C 8 -6.97 -29.47 15.42
N MET C 9 -6.68 -28.68 16.45
CA MET C 9 -6.30 -27.28 16.22
C MET C 9 -4.80 -27.18 15.91
N ASN C 10 -4.49 -26.70 14.71
CA ASN C 10 -3.13 -26.48 14.29
C ASN C 10 -2.76 -25.02 14.39
N TYR C 11 -1.50 -24.74 14.65
CA TYR C 11 -1.00 -23.39 14.73
C TYR C 11 0.49 -23.36 14.37
N GLU C 12 1.01 -22.18 14.05
CA GLU C 12 2.44 -21.99 13.75
C GLU C 12 2.92 -20.79 14.54
N GLU C 13 4.05 -20.92 15.23
CA GLU C 13 4.72 -19.76 15.83
C GLU C 13 5.31 -18.92 14.71
N VAL C 14 4.92 -17.66 14.64
CA VAL C 14 5.30 -16.77 13.55
C VAL C 14 6.40 -15.78 13.94
N PHE C 15 6.33 -15.21 15.13
CA PHE C 15 7.43 -14.41 15.65
C PHE C 15 7.27 -14.20 17.15
N SER C 16 8.27 -13.59 17.74
CA SER C 16 8.16 -13.15 19.11
C SER C 16 8.61 -11.71 19.18
N ILE C 17 8.25 -11.06 20.26
CA ILE C 17 8.70 -9.70 20.54
C ILE C 17 9.13 -9.60 21.98
N THR C 18 10.30 -9.03 22.21
CA THR C 18 10.74 -8.76 23.57
C THR C 18 10.68 -7.26 23.77
N ILE C 19 9.81 -6.84 24.68
CA ILE C 19 9.43 -5.45 24.89
C ILE C 19 10.03 -4.94 26.19
N THR C 20 10.60 -3.75 26.15
CA THR C 20 10.95 -3.05 27.38
C THR C 20 9.89 -1.98 27.62
N VAL C 21 9.37 -1.94 28.84
CA VAL C 21 8.29 -1.00 29.20
C VAL C 21 8.71 -0.04 30.30
N ASP C 22 8.17 1.18 30.28
CA ASP C 22 8.46 2.13 31.36
C ASP C 22 7.62 1.78 32.59
N LYS C 23 7.82 2.52 33.67
CA LYS C 23 7.01 2.37 34.86
C LYS C 23 5.55 2.71 34.49
N PRO C 24 4.57 2.08 35.16
CA PRO C 24 3.16 2.39 34.86
C PRO C 24 2.80 3.82 35.19
N ILE C 25 1.89 4.39 34.41
CA ILE C 25 1.30 5.67 34.71
C ILE C 25 0.01 5.32 35.37
N LEU C 26 -0.01 5.32 36.70
CA LEU C 26 -1.24 5.07 37.47
C LEU C 26 -2.26 6.19 37.28
N ILE C 27 -3.44 5.83 36.79
CA ILE C 27 -4.50 6.77 36.54
C ILE C 27 -5.40 6.84 37.77
N GLY C 28 -6.00 5.72 38.17
CA GLY C 28 -6.85 5.71 39.34
C GLY C 28 -7.27 4.34 39.71
N GLN C 29 -7.88 4.20 40.89
CA GLN C 29 -8.40 2.89 41.32
C GLN C 29 -9.61 3.07 42.23
N ASP C 30 -10.51 2.10 42.19
CA ASP C 30 -11.55 1.97 43.20
C ASP C 30 -11.94 0.51 43.27
N ASP C 31 -12.86 0.18 44.15
CA ASP C 31 -13.22 -1.22 44.38
C ASP C 31 -14.37 -1.76 43.49
N ILE C 32 -14.87 -1.03 42.47
CA ILE C 32 -15.73 -1.70 41.44
C ILE C 32 -15.08 -1.76 40.08
N VAL C 33 -14.50 -0.67 39.59
CA VAL C 33 -13.88 -0.68 38.24
C VAL C 33 -12.49 -1.29 38.30
N GLY C 34 -11.78 -1.07 39.41
CA GLY C 34 -10.45 -1.62 39.57
C GLY C 34 -9.41 -0.56 39.36
N ARG C 35 -8.19 -1.00 39.04
CA ARG C 35 -7.03 -0.15 38.92
C ARG C 35 -6.57 0.06 37.47
N ARG C 36 -6.74 1.28 36.98
CA ARG C 36 -6.34 1.68 35.63
C ARG C 36 -4.93 2.27 35.59
N GLN C 37 -4.11 1.72 34.70
CA GLN C 37 -2.80 2.29 34.42
C GLN C 37 -2.41 2.16 32.93
N LEU C 38 -1.59 3.11 32.49
CA LEU C 38 -1.05 3.13 31.14
C LEU C 38 0.44 2.80 31.22
N ILE C 39 0.85 1.82 30.41
CA ILE C 39 2.24 1.36 30.37
C ILE C 39 2.88 1.76 29.06
N PRO C 40 3.85 2.69 29.09
CA PRO C 40 4.52 3.07 27.85
C PRO C 40 5.51 2.00 27.47
N ILE C 41 5.60 1.74 26.17
CA ILE C 41 6.52 0.74 25.61
C ILE C 41 7.74 1.50 25.13
N ILE C 42 8.91 1.23 25.71
CA ILE C 42 10.11 2.03 25.40
C ILE C 42 10.67 1.51 24.10
N SER C 43 10.77 0.20 24.02
CA SER C 43 11.43 -0.42 22.90
C SER C 43 11.04 -1.86 22.86
N GLY C 44 11.50 -2.53 21.80
CA GLY C 44 11.18 -3.91 21.64
C GLY C 44 11.83 -4.46 20.41
N LYS C 45 12.20 -5.74 20.49
CA LYS C 45 12.84 -6.41 19.41
C LYS C 45 12.00 -7.57 18.91
N VAL C 46 11.77 -7.58 17.60
CA VAL C 46 10.92 -8.52 16.92
C VAL C 46 11.81 -9.54 16.26
N SER C 47 11.57 -10.83 16.53
CA SER C 47 12.34 -11.89 15.88
C SER C 47 11.51 -13.12 15.55
N GLY C 48 11.90 -13.82 14.50
CA GLY C 48 11.12 -14.95 13.99
C GLY C 48 11.63 -15.27 12.62
N ASN C 49 11.43 -16.49 12.15
CA ASN C 49 11.85 -16.85 10.79
C ASN C 49 11.37 -15.82 9.76
N ASN C 50 12.33 -15.23 9.06
CA ASN C 50 12.10 -14.10 8.18
C ASN C 50 11.09 -13.13 8.74
N PHE C 51 11.29 -12.76 10.00
CA PHE C 51 10.43 -11.78 10.61
C PHE C 51 11.23 -11.14 11.73
N ASN C 52 11.99 -10.10 11.34
CA ASN C 52 12.92 -9.39 12.22
C ASN C 52 12.74 -7.88 12.15
N GLY C 53 12.64 -7.23 13.30
CA GLY C 53 12.49 -5.77 13.33
C GLY C 53 12.47 -5.17 14.71
N LYS C 54 11.79 -4.02 14.83
CA LYS C 54 11.75 -3.29 16.09
C LYS C 54 10.35 -2.69 16.31
N VAL C 55 10.03 -2.43 17.57
CA VAL C 55 8.85 -1.65 17.93
C VAL C 55 9.11 -0.16 17.66
N LEU C 56 8.12 0.50 17.09
CA LEU C 56 8.18 1.94 16.80
C LEU C 56 7.76 2.76 18.02
N PRO C 57 8.01 4.10 18.02
CA PRO C 57 7.52 4.96 19.12
C PRO C 57 5.99 4.99 19.17
N GLY C 58 5.45 5.36 20.32
CA GLY C 58 4.00 5.62 20.45
C GLY C 58 3.17 4.57 21.15
N GLY C 59 3.81 3.50 21.60
CA GLY C 59 3.15 2.31 22.12
C GLY C 59 2.73 2.46 23.57
N ILE C 60 1.50 2.06 23.85
CA ILE C 60 0.92 2.12 25.18
C ILE C 60 0.09 0.85 25.40
N ASP C 61 0.29 0.17 26.53
CA ASP C 61 -0.68 -0.82 26.99
C ASP C 61 -1.60 -0.19 28.04
N SER C 62 -2.89 -0.07 27.71
CA SER C 62 -3.89 0.36 28.65
C SER C 62 -4.44 -0.87 29.37
N GLN C 63 -4.28 -0.87 30.69
CA GLN C 63 -4.55 -2.00 31.57
C GLN C 63 -5.50 -1.67 32.67
N ILE C 64 -6.34 -2.64 33.04
CA ILE C 64 -7.12 -2.47 34.25
C ILE C 64 -7.13 -3.78 35.03
N VAL C 65 -6.71 -3.71 36.30
CA VAL C 65 -6.74 -4.84 37.23
C VAL C 65 -8.05 -4.71 37.96
N ARG C 66 -8.93 -5.65 37.68
CA ARG C 66 -10.28 -5.64 38.20
C ARG C 66 -10.22 -5.99 39.69
N PRO C 67 -11.23 -5.58 40.47
CA PRO C 67 -11.22 -5.88 41.89
C PRO C 67 -11.01 -7.35 42.22
N ASP C 68 -11.44 -8.26 41.36
CA ASP C 68 -11.21 -9.71 41.59
C ASP C 68 -9.79 -10.19 41.21
N GLY C 69 -8.96 -9.27 40.74
CA GLY C 69 -7.59 -9.58 40.44
C GLY C 69 -7.29 -9.80 38.97
N LYS C 70 -8.33 -9.95 38.13
CA LYS C 70 -8.08 -10.17 36.70
C LYS C 70 -7.59 -8.90 36.04
N CYS C 71 -6.49 -9.00 35.29
CA CYS C 71 -6.00 -7.89 34.49
C CYS C 71 -6.48 -7.99 33.05
N GLU C 72 -7.13 -6.94 32.59
CA GLU C 72 -7.55 -6.80 31.18
C GLU C 72 -6.59 -5.85 30.51
N LEU C 73 -5.95 -6.33 29.45
CA LEU C 73 -4.90 -5.61 28.75
C LEU C 73 -5.34 -5.27 27.34
N SER C 74 -5.06 -4.02 26.92
CA SER C 74 -5.25 -3.57 25.56
C SER C 74 -4.06 -2.74 25.11
N ALA C 75 -3.16 -3.30 24.31
CA ALA C 75 -1.98 -2.58 23.79
C ALA C 75 -2.12 -2.09 22.35
N ARG C 76 -1.73 -0.84 22.06
CA ARG C 76 -1.65 -0.36 20.71
C ARG C 76 -0.23 0.08 20.42
N TYR C 77 0.38 -0.56 19.45
CA TYR C 77 1.76 -0.25 19.08
C TYR C 77 2.05 -0.80 17.70
N ALA C 78 3.24 -0.50 17.16
CA ALA C 78 3.58 -0.82 15.81
C ALA C 78 5.00 -1.32 15.72
N ILE C 79 5.28 -2.07 14.67
CA ILE C 79 6.62 -2.57 14.48
C ILE C 79 7.05 -2.27 13.06
N ARG C 80 8.36 -2.13 12.87
CA ARG C 80 8.96 -1.87 11.59
C ARG C 80 9.89 -3.01 11.35
N LEU C 81 9.72 -3.70 10.22
CA LEU C 81 10.55 -4.80 9.89
C LEU C 81 11.75 -4.34 9.09
N ASP C 82 12.76 -5.19 9.01
CA ASP C 82 14.01 -4.87 8.35
C ASP C 82 13.88 -4.64 6.83
N ASP C 83 12.82 -5.16 6.20
CA ASP C 83 12.51 -4.82 4.80
C ASP C 83 11.75 -3.49 4.64
N GLY C 84 11.54 -2.79 5.76
CA GLY C 84 10.89 -1.49 5.76
C GLY C 84 9.37 -1.50 5.97
N ALA C 85 8.75 -2.68 5.91
CA ALA C 85 7.31 -2.84 6.14
C ALA C 85 6.91 -2.58 7.59
N ALA C 86 5.74 -1.99 7.78
CA ALA C 86 5.20 -1.76 9.11
C ALA C 86 4.02 -2.66 9.39
N ILE C 87 3.80 -2.92 10.68
CA ILE C 87 2.63 -3.64 11.18
C ILE C 87 2.11 -2.94 12.43
N TYR C 88 0.82 -2.61 12.40
CA TYR C 88 0.16 -1.98 13.52
C TYR C 88 -0.61 -3.06 14.29
N ILE C 89 -0.43 -3.09 15.59
CA ILE C 89 -0.88 -4.18 16.42
C ILE C 89 -1.83 -3.63 17.46
N GLU C 90 -3.05 -4.17 17.57
CA GLU C 90 -3.77 -4.04 18.81
C GLU C 90 -3.90 -5.41 19.45
N ASN C 91 -3.31 -5.56 20.65
CA ASN C 91 -3.21 -6.83 21.33
C ASN C 91 -4.04 -6.76 22.59
N ASN C 92 -5.14 -7.51 22.62
CA ASN C 92 -6.11 -7.49 23.75
C ASN C 92 -6.15 -8.82 24.45
N GLY C 93 -5.92 -8.80 25.74
CA GLY C 93 -6.08 -10.01 26.49
C GLY C 93 -6.15 -9.90 27.97
N ILE C 94 -5.82 -10.99 28.63
CA ILE C 94 -5.98 -11.08 30.07
C ILE C 94 -4.76 -11.69 30.74
N ARG C 95 -4.60 -11.30 32.01
CA ARG C 95 -3.56 -11.83 32.87
C ARG C 95 -4.13 -12.09 34.24
N THR C 96 -4.12 -13.35 34.65
CA THR C 96 -4.66 -13.79 35.92
C THR C 96 -3.56 -14.50 36.72
N VAL C 97 -3.81 -14.64 38.02
CA VAL C 97 -2.99 -15.45 38.94
C VAL C 97 -3.90 -16.26 39.87
N PRO C 98 -3.43 -17.40 40.40
CA PRO C 98 -4.19 -18.13 41.44
C PRO C 98 -4.54 -17.27 42.66
N ASP C 99 -5.55 -17.68 43.42
CA ASP C 99 -6.09 -16.85 44.52
C ASP C 99 -5.05 -16.44 45.53
N GLU C 100 -4.09 -17.31 45.80
CA GLU C 100 -3.05 -16.99 46.79
C GLU C 100 -2.17 -15.80 46.41
N TYR C 101 -2.11 -15.46 45.12
CA TYR C 101 -1.26 -14.35 44.66
C TYR C 101 -1.99 -13.04 44.44
N ILE C 102 -3.33 -13.06 44.52
CA ILE C 102 -4.16 -11.89 44.23
C ILE C 102 -3.80 -10.67 45.08
N GLU C 103 -3.62 -10.84 46.41
CA GLU C 103 -3.29 -9.68 47.27
C GLU C 103 -1.98 -9.06 46.84
N ALA C 104 -1.04 -9.92 46.42
CA ALA C 104 0.25 -9.46 45.94
C ALA C 104 0.09 -8.65 44.66
N VAL C 105 -0.82 -9.09 43.78
CA VAL C 105 -1.06 -8.38 42.51
C VAL C 105 -1.70 -6.98 42.72
N LYS C 106 -2.50 -6.89 43.76
CA LYS C 106 -3.39 -5.78 43.97
C LYS C 106 -2.53 -4.72 44.57
N SER C 107 -1.49 -5.20 45.21
CA SER C 107 -0.45 -4.35 45.68
C SER C 107 0.39 -4.20 44.46
N GLY C 108 1.06 -5.26 44.08
CA GLY C 108 2.15 -5.15 43.11
C GLY C 108 3.45 -5.64 43.73
N GLU C 109 3.33 -6.36 44.86
CA GLU C 109 4.44 -7.11 45.43
C GLU C 109 4.79 -8.24 44.46
N PHE C 110 6.06 -8.67 44.50
CA PHE C 110 6.56 -9.67 43.57
C PHE C 110 5.70 -10.93 43.53
N VAL C 111 5.40 -11.37 42.30
CA VAL C 111 4.78 -12.66 42.04
C VAL C 111 5.63 -13.41 41.03
N ASP C 112 5.80 -14.71 41.31
CA ASP C 112 6.54 -15.61 40.44
C ASP C 112 5.95 -15.60 39.04
N PRO C 113 6.76 -15.26 38.02
CA PRO C 113 6.24 -15.26 36.64
C PRO C 113 5.52 -16.56 36.20
N ASN C 114 5.82 -17.69 36.84
CA ASN C 114 5.12 -18.92 36.45
C ASN C 114 3.73 -19.05 37.08
N ALA C 115 3.39 -18.16 38.00
CA ALA C 115 2.03 -18.14 38.53
C ALA C 115 1.03 -17.65 37.48
N TYR C 116 1.49 -16.83 36.55
CA TYR C 116 0.58 -16.13 35.63
C TYR C 116 -0.05 -16.99 34.53
N TYR C 117 -1.34 -16.77 34.30
CA TYR C 117 -1.96 -17.06 33.02
C TYR C 117 -1.97 -15.74 32.26
N PHE C 118 -1.28 -15.68 31.14
CA PHE C 118 -1.12 -14.44 30.42
C PHE C 118 -1.21 -14.70 28.88
N ARG C 119 -2.42 -14.48 28.36
CA ARG C 119 -2.78 -14.80 26.99
C ARG C 119 -3.56 -13.67 26.36
N THR C 120 -3.33 -13.46 25.07
CA THR C 120 -3.93 -12.36 24.34
C THR C 120 -4.24 -12.69 22.89
N ILE C 121 -5.07 -11.84 22.30
CA ILE C 121 -5.47 -11.96 20.91
C ILE C 121 -5.07 -10.69 20.17
N PRO C 122 -4.04 -10.79 19.31
CA PRO C 122 -3.66 -9.68 18.45
C PRO C 122 -4.46 -9.56 17.16
N THR C 123 -4.75 -8.30 16.83
CA THR C 123 -5.27 -7.87 15.54
C THR C 123 -4.19 -7.08 14.81
N PHE C 124 -3.98 -7.38 13.53
CA PHE C 124 -2.95 -6.70 12.72
C PHE C 124 -3.49 -5.83 11.61
N GLU C 125 -2.77 -4.74 11.31
CA GLU C 125 -3.01 -3.91 10.16
C GLU C 125 -1.70 -3.74 9.42
N THR C 126 -1.68 -4.07 8.12
CA THR C 126 -0.48 -4.12 7.27
C THR C 126 -0.74 -3.40 5.95
N TYR C 127 0.33 -3.02 5.24
CA TYR C 127 0.24 -2.08 4.10
C TYR C 127 1.03 -2.56 2.91
N SER C 128 1.12 -3.87 2.78
CA SER C 128 1.80 -4.46 1.68
C SER C 128 1.23 -5.86 1.49
N PRO C 129 1.09 -6.33 0.22
CA PRO C 129 0.71 -7.72 -0.13
C PRO C 129 1.46 -8.84 0.60
N LYS C 130 2.74 -8.61 0.88
CA LYS C 130 3.57 -9.61 1.53
C LYS C 130 3.06 -9.88 2.95
N TYR C 131 2.39 -8.90 3.56
CA TYR C 131 1.86 -9.08 4.93
C TYR C 131 0.33 -9.06 5.08
N LYS C 132 -0.41 -9.17 3.98
CA LYS C 132 -1.87 -9.09 4.09
C LYS C 132 -2.47 -10.33 4.78
N TRP C 133 -1.73 -11.45 4.74
CA TRP C 133 -2.13 -12.67 5.46
C TRP C 133 -2.34 -12.42 6.96
N MET C 134 -1.62 -11.46 7.52
CA MET C 134 -1.71 -11.16 8.95
C MET C 134 -3.09 -10.52 9.24
N MET C 135 -3.73 -9.98 8.22
CA MET C 135 -5.08 -9.44 8.35
C MET C 135 -6.16 -10.50 8.10
N ASN C 136 -5.76 -11.72 7.73
CA ASN C 136 -6.72 -12.71 7.29
C ASN C 136 -6.56 -14.08 7.97
N HIS C 137 -5.91 -14.07 9.12
CA HIS C 137 -5.87 -15.20 10.00
C HIS C 137 -6.17 -14.77 11.43
N ILE C 138 -6.53 -15.77 12.22
CA ILE C 138 -6.69 -15.59 13.67
C ILE C 138 -5.38 -15.98 14.33
N PHE C 139 -5.03 -15.22 15.36
CA PHE C 139 -3.77 -15.34 16.10
C PHE C 139 -3.98 -15.41 17.62
N VAL C 140 -3.05 -16.09 18.30
CA VAL C 140 -2.98 -16.13 19.74
C VAL C 140 -1.57 -15.73 20.16
N CYS C 141 -1.48 -14.96 21.24
CA CYS C 141 -0.20 -14.56 21.81
C CYS C 141 -0.07 -15.10 23.26
N CYS C 142 1.02 -15.82 23.50
CA CYS C 142 1.42 -16.27 24.82
C CYS C 142 2.49 -15.34 25.35
N ALA C 143 2.24 -14.72 26.49
CA ALA C 143 3.13 -13.70 27.04
C ALA C 143 3.64 -14.09 28.41
N SER C 144 4.69 -13.40 28.86
CA SER C 144 5.23 -13.54 30.23
C SER C 144 6.09 -12.39 30.69
N ARG C 145 6.23 -12.29 32.01
CA ARG C 145 7.28 -11.47 32.69
C ARG C 145 8.75 -11.97 32.53
N ASN C 149 11.72 -7.37 31.03
CA ASN C 149 11.00 -7.31 29.76
C ASN C 149 9.67 -8.09 29.76
N VAL C 150 8.81 -7.85 28.76
CA VAL C 150 7.74 -8.79 28.49
C VAL C 150 8.03 -9.53 27.19
N LEU C 151 7.90 -10.85 27.23
CA LEU C 151 8.11 -11.71 26.07
C LEU C 151 6.76 -12.14 25.53
N LEU C 152 6.53 -11.84 24.26
CA LEU C 152 5.30 -12.18 23.57
C LEU C 152 5.65 -13.13 22.47
N LYS C 153 5.00 -14.29 22.43
CA LYS C 153 5.14 -15.25 21.34
C LYS C 153 3.85 -15.33 20.57
N PHE C 154 3.93 -15.17 19.25
CA PHE C 154 2.76 -15.00 18.41
C PHE C 154 2.53 -16.27 17.61
N TYR C 155 1.31 -16.79 17.66
CA TYR C 155 0.94 -18.01 16.92
C TYR C 155 -0.21 -17.77 15.94
N LYS C 156 -0.01 -18.16 14.69
CA LYS C 156 -1.07 -18.12 13.69
C LYS C 156 -1.88 -19.39 13.87
N ILE C 157 -3.21 -19.29 13.93
CA ILE C 157 -4.08 -20.46 14.01
C ILE C 157 -4.33 -20.90 12.59
N SER C 158 -4.09 -22.19 12.34
CA SER C 158 -4.22 -22.71 11.00
C SER C 158 -5.61 -23.31 10.87
N GLU D 8 4.51 -25.63 22.28
CA GLU D 8 4.73 -24.50 23.22
C GLU D 8 3.43 -23.74 23.58
N MET D 9 2.46 -23.74 22.65
CA MET D 9 1.08 -23.29 22.97
C MET D 9 0.21 -24.50 23.32
N ASN D 10 -0.33 -24.52 24.52
CA ASN D 10 -1.24 -25.58 24.89
C ASN D 10 -2.68 -25.10 24.93
N TYR D 11 -3.58 -26.04 24.70
CA TYR D 11 -5.00 -25.77 24.69
C TYR D 11 -5.74 -27.05 25.02
N GLU D 12 -7.01 -26.95 25.38
CA GLU D 12 -7.83 -28.14 25.52
C GLU D 12 -9.18 -27.93 24.88
N GLU D 13 -9.64 -28.94 24.14
CA GLU D 13 -10.95 -28.90 23.51
C GLU D 13 -11.98 -29.04 24.60
N VAL D 14 -12.86 -28.06 24.77
CA VAL D 14 -13.80 -28.06 25.89
C VAL D 14 -15.24 -28.41 25.53
N PHE D 15 -15.71 -28.00 24.36
CA PHE D 15 -17.02 -28.46 23.87
C PHE D 15 -17.15 -28.18 22.39
N SER D 16 -18.25 -28.66 21.82
CA SER D 16 -18.64 -28.45 20.43
C SER D 16 -20.09 -28.01 20.38
N ILE D 17 -20.43 -27.23 19.36
CA ILE D 17 -21.84 -26.90 19.07
C ILE D 17 -22.08 -27.18 17.62
N THR D 18 -23.10 -27.97 17.33
CA THR D 18 -23.62 -28.09 15.98
C THR D 18 -24.87 -27.27 15.91
N ILE D 19 -24.84 -26.26 15.04
CA ILE D 19 -25.88 -25.24 14.95
C ILE D 19 -26.64 -25.44 13.64
N THR D 20 -27.95 -25.33 13.71
CA THR D 20 -28.81 -25.29 12.53
C THR D 20 -29.24 -23.87 12.31
N VAL D 21 -28.97 -23.35 11.11
CA VAL D 21 -29.21 -21.96 10.79
C VAL D 21 -30.36 -21.86 9.80
N ASP D 22 -31.05 -20.72 9.81
CA ASP D 22 -32.02 -20.40 8.79
C ASP D 22 -31.33 -19.76 7.56
N LYS D 23 -32.08 -19.57 6.49
CA LYS D 23 -31.52 -18.92 5.32
C LYS D 23 -31.18 -17.44 5.66
N PRO D 24 -30.09 -16.92 5.09
CA PRO D 24 -29.67 -15.56 5.44
C PRO D 24 -30.73 -14.48 5.17
N ILE D 25 -30.81 -13.50 6.05
CA ILE D 25 -31.59 -12.32 5.78
C ILE D 25 -30.61 -11.36 5.13
N LEU D 26 -30.64 -11.25 3.81
CA LEU D 26 -29.72 -10.36 3.09
C LEU D 26 -30.14 -8.90 3.28
N ILE D 27 -29.25 -8.06 3.78
CA ILE D 27 -29.60 -6.67 4.05
C ILE D 27 -29.29 -5.82 2.80
N GLY D 28 -28.05 -5.86 2.37
CA GLY D 28 -27.67 -5.11 1.19
C GLY D 28 -26.30 -5.50 0.75
N GLN D 29 -25.94 -5.01 -0.42
CA GLN D 29 -24.59 -5.22 -0.93
C GLN D 29 -24.16 -4.11 -1.84
N ASP D 30 -22.88 -3.80 -1.76
CA ASP D 30 -22.24 -2.98 -2.75
C ASP D 30 -20.77 -3.40 -2.80
N ASP D 31 -19.97 -2.64 -3.57
CA ASP D 31 -18.55 -2.92 -3.86
C ASP D 31 -17.60 -2.05 -3.04
N ILE D 32 -18.13 -1.40 -2.01
CA ILE D 32 -17.34 -0.65 -1.05
C ILE D 32 -17.30 -1.37 0.31
N VAL D 33 -18.47 -1.55 0.93
CA VAL D 33 -18.54 -2.28 2.19
C VAL D 33 -18.67 -3.78 2.02
N GLY D 34 -19.30 -4.21 0.94
CA GLY D 34 -19.56 -5.63 0.74
C GLY D 34 -21.03 -5.98 0.99
N ARG D 35 -21.25 -7.25 1.29
CA ARG D 35 -22.58 -7.81 1.46
C ARG D 35 -22.89 -8.13 2.93
N ARG D 36 -23.94 -7.51 3.46
CA ARG D 36 -24.34 -7.69 4.83
C ARG D 36 -25.54 -8.64 4.89
N GLN D 37 -25.43 -9.62 5.77
CA GLN D 37 -26.56 -10.46 6.09
C GLN D 37 -26.59 -10.95 7.51
N LEU D 38 -27.82 -11.16 7.95
CA LEU D 38 -28.12 -11.73 9.29
C LEU D 38 -28.56 -13.20 9.16
N ILE D 39 -27.90 -14.09 9.88
CA ILE D 39 -28.21 -15.50 9.84
C ILE D 39 -28.89 -15.83 11.17
N PRO D 40 -30.17 -16.19 11.14
CA PRO D 40 -30.79 -16.71 12.34
C PRO D 40 -30.35 -18.13 12.70
N ILE D 41 -30.15 -18.38 14.00
CA ILE D 41 -29.82 -19.70 14.51
C ILE D 41 -31.12 -20.31 14.95
N ILE D 42 -31.49 -21.39 14.27
CA ILE D 42 -32.73 -22.09 14.61
C ILE D 42 -32.53 -22.92 15.88
N SER D 43 -31.48 -23.72 15.94
CA SER D 43 -31.28 -24.60 17.05
C SER D 43 -29.83 -24.99 17.06
N GLY D 44 -29.44 -25.73 18.09
CA GLY D 44 -28.08 -26.12 18.28
C GLY D 44 -27.94 -27.06 19.43
N LYS D 45 -27.07 -28.05 19.25
CA LYS D 45 -26.78 -29.04 20.26
C LYS D 45 -25.36 -28.80 20.71
N VAL D 46 -25.21 -28.71 22.03
CA VAL D 46 -23.93 -28.45 22.69
C VAL D 46 -23.51 -29.75 23.35
N SER D 47 -22.25 -30.14 23.15
CA SER D 47 -21.76 -31.37 23.73
C SER D 47 -20.25 -31.30 24.03
N GLY D 48 -19.86 -31.95 25.12
CA GLY D 48 -18.51 -31.90 25.62
C GLY D 48 -18.47 -32.54 26.99
N ASN D 49 -17.24 -32.74 27.50
CA ASN D 49 -17.07 -33.37 28.80
C ASN D 49 -17.67 -32.47 29.87
N ASN D 50 -18.77 -32.94 30.46
CA ASN D 50 -19.51 -32.18 31.45
C ASN D 50 -19.95 -30.80 30.93
N PHE D 51 -20.29 -30.76 29.65
CA PHE D 51 -20.70 -29.53 28.98
C PHE D 51 -21.66 -29.90 27.86
N ASN D 52 -22.93 -30.06 28.26
CA ASN D 52 -23.97 -30.64 27.42
C ASN D 52 -25.28 -29.86 27.55
N GLY D 53 -25.89 -29.51 26.44
CA GLY D 53 -27.18 -28.78 26.45
C GLY D 53 -27.56 -28.34 25.06
N LYS D 54 -28.22 -27.19 24.96
CA LYS D 54 -28.78 -26.68 23.70
C LYS D 54 -28.58 -25.18 23.55
N VAL D 55 -28.69 -24.73 22.30
CA VAL D 55 -28.67 -23.32 22.00
C VAL D 55 -30.08 -22.74 22.22
N LEU D 56 -30.15 -21.58 22.83
CA LEU D 56 -31.42 -20.94 23.13
C LEU D 56 -31.95 -20.10 21.95
N PRO D 57 -33.21 -19.67 22.03
CA PRO D 57 -33.74 -18.76 21.00
C PRO D 57 -33.00 -17.39 20.99
N GLY D 58 -33.12 -16.66 19.88
CA GLY D 58 -32.69 -15.24 19.82
C GLY D 58 -31.32 -15.04 19.20
N GLY D 59 -30.81 -16.10 18.60
CA GLY D 59 -29.44 -16.16 18.08
C GLY D 59 -29.33 -15.63 16.67
N ILE D 60 -28.31 -14.80 16.45
CA ILE D 60 -28.09 -14.18 15.15
C ILE D 60 -26.60 -14.06 14.89
N ASP D 61 -26.17 -14.59 13.73
CA ASP D 61 -24.84 -14.26 13.15
C ASP D 61 -24.96 -13.13 12.13
N SER D 62 -24.32 -12.02 12.45
CA SER D 62 -24.25 -10.87 11.61
C SER D 62 -22.95 -10.97 10.81
N GLN D 63 -23.07 -11.05 9.49
CA GLN D 63 -21.94 -11.28 8.60
C GLN D 63 -21.85 -10.18 7.54
N ILE D 64 -20.63 -9.82 7.15
CA ILE D 64 -20.35 -8.96 6.02
C ILE D 64 -19.34 -9.72 5.19
N VAL D 65 -19.64 -10.00 3.91
CA VAL D 65 -18.63 -10.45 2.93
C VAL D 65 -18.02 -9.24 2.21
N ARG D 66 -16.76 -8.98 2.51
CA ARG D 66 -16.05 -7.84 1.97
C ARG D 66 -15.84 -7.98 0.47
N PRO D 67 -15.60 -6.87 -0.23
CA PRO D 67 -15.44 -7.00 -1.70
C PRO D 67 -14.33 -7.96 -2.12
N ASP D 68 -13.22 -8.02 -1.40
CA ASP D 68 -12.17 -9.00 -1.71
C ASP D 68 -12.55 -10.47 -1.41
N GLY D 69 -13.71 -10.68 -0.79
CA GLY D 69 -14.24 -12.04 -0.54
C GLY D 69 -14.18 -12.48 0.92
N LYS D 70 -13.40 -11.77 1.74
CA LYS D 70 -13.29 -12.14 3.16
C LYS D 70 -14.60 -11.87 3.90
N CYS D 71 -15.04 -12.86 4.67
CA CYS D 71 -16.23 -12.75 5.48
C CYS D 71 -15.83 -12.50 6.93
N GLU D 72 -16.34 -11.42 7.51
CA GLU D 72 -16.17 -11.15 8.92
C GLU D 72 -17.47 -11.52 9.64
N LEU D 73 -17.39 -12.29 10.72
CA LEU D 73 -18.56 -12.82 11.40
C LEU D 73 -18.63 -12.39 12.85
N SER D 74 -19.83 -12.01 13.30
CA SER D 74 -20.09 -11.69 14.69
C SER D 74 -21.44 -12.24 15.16
N ALA D 75 -21.40 -13.32 15.92
CA ALA D 75 -22.61 -13.97 16.39
C ALA D 75 -22.86 -13.69 17.88
N ARG D 76 -24.13 -13.54 18.22
CA ARG D 76 -24.59 -13.32 19.57
C ARG D 76 -25.63 -14.39 19.82
N TYR D 77 -25.38 -15.28 20.77
CA TYR D 77 -26.35 -16.27 21.15
C TYR D 77 -26.04 -16.83 22.52
N ALA D 78 -26.99 -17.57 23.06
CA ALA D 78 -26.87 -18.15 24.40
C ALA D 78 -27.10 -19.66 24.30
N ILE D 79 -26.57 -20.37 25.29
CA ILE D 79 -26.85 -21.77 25.46
C ILE D 79 -27.32 -22.03 26.89
N ARG D 80 -28.04 -23.13 27.08
CA ARG D 80 -28.39 -23.62 28.43
C ARG D 80 -27.92 -25.02 28.60
N LEU D 81 -27.31 -25.30 29.72
CA LEU D 81 -26.79 -26.62 29.93
C LEU D 81 -27.81 -27.45 30.69
N ASP D 82 -27.61 -28.76 30.64
CA ASP D 82 -28.53 -29.71 31.25
C ASP D 82 -28.44 -29.71 32.78
N ASP D 83 -27.42 -29.04 33.33
CA ASP D 83 -27.34 -28.75 34.77
C ASP D 83 -28.07 -27.46 35.12
N GLY D 84 -28.66 -26.81 34.13
CA GLY D 84 -29.39 -25.58 34.35
C GLY D 84 -28.64 -24.28 34.13
N ALA D 85 -27.33 -24.36 33.88
CA ALA D 85 -26.49 -23.15 33.74
C ALA D 85 -26.69 -22.58 32.35
N ALA D 86 -26.78 -21.26 32.28
CA ALA D 86 -26.81 -20.51 31.03
C ALA D 86 -25.48 -19.74 30.79
N ILE D 87 -25.10 -19.65 29.50
CA ILE D 87 -23.91 -18.94 29.04
C ILE D 87 -24.26 -18.09 27.81
N TYR D 88 -23.91 -16.80 27.84
CA TYR D 88 -24.09 -15.90 26.70
C TYR D 88 -22.75 -15.83 25.94
N ILE D 89 -22.83 -15.96 24.62
CA ILE D 89 -21.66 -16.07 23.75
C ILE D 89 -21.70 -14.99 22.68
N GLU D 90 -20.64 -14.21 22.58
CA GLU D 90 -20.41 -13.45 21.36
C GLU D 90 -19.19 -14.06 20.70
N ASN D 91 -19.34 -14.45 19.45
CA ASN D 91 -18.29 -15.18 18.75
C ASN D 91 -17.94 -14.41 17.50
N ASN D 92 -16.69 -13.93 17.43
CA ASN D 92 -16.22 -13.00 16.40
C ASN D 92 -15.08 -13.61 15.63
N GLY D 93 -15.19 -13.66 14.31
CA GLY D 93 -14.16 -14.35 13.53
C GLY D 93 -14.22 -14.07 12.06
N ILE D 94 -13.51 -14.91 11.31
CA ILE D 94 -13.37 -14.71 9.89
C ILE D 94 -13.49 -16.02 9.16
N ARG D 95 -13.98 -15.90 7.93
CA ARG D 95 -14.03 -17.01 6.98
C ARG D 95 -13.51 -16.47 5.64
N THR D 96 -12.48 -17.13 5.11
CA THR D 96 -11.88 -16.77 3.85
C THR D 96 -11.79 -18.01 2.95
N VAL D 97 -11.83 -17.82 1.64
CA VAL D 97 -11.68 -18.93 0.66
C VAL D 97 -10.56 -18.52 -0.30
N PRO D 98 -9.92 -19.51 -0.97
CA PRO D 98 -8.95 -19.11 -2.01
C PRO D 98 -9.67 -18.61 -3.27
N PRO D 113 -16.04 -25.88 0.94
CA PRO D 113 -16.33 -26.49 2.26
C PRO D 113 -15.04 -26.86 3.00
N ASN D 114 -14.28 -27.81 2.43
CA ASN D 114 -12.86 -27.98 2.82
C ASN D 114 -12.09 -26.70 2.47
N ALA D 115 -12.63 -25.94 1.53
CA ALA D 115 -12.03 -24.71 1.02
C ALA D 115 -11.65 -23.73 2.14
N TYR D 116 -12.65 -23.37 2.94
CA TYR D 116 -12.59 -22.27 3.89
C TYR D 116 -11.45 -22.31 4.95
N TYR D 117 -10.92 -21.15 5.30
CA TYR D 117 -10.32 -20.94 6.58
C TYR D 117 -11.40 -20.29 7.41
N PHE D 118 -11.75 -20.89 8.55
CA PHE D 118 -12.92 -20.45 9.27
C PHE D 118 -12.63 -20.58 10.74
N ARG D 119 -12.24 -19.48 11.39
CA ARG D 119 -11.76 -19.48 12.76
C ARG D 119 -12.29 -18.26 13.47
N THR D 120 -12.60 -18.43 14.75
CA THR D 120 -13.27 -17.38 15.49
C THR D 120 -12.73 -17.27 16.92
N ILE D 121 -12.99 -16.15 17.59
CA ILE D 121 -12.68 -15.99 19.01
C ILE D 121 -13.99 -15.75 19.72
N PRO D 122 -14.38 -16.64 20.64
CA PRO D 122 -15.51 -16.38 21.52
C PRO D 122 -15.21 -15.70 22.85
N THR D 123 -16.18 -14.89 23.28
CA THR D 123 -16.20 -14.24 24.58
C THR D 123 -17.43 -14.77 25.32
N PHE D 124 -17.26 -15.19 26.58
CA PHE D 124 -18.32 -15.78 27.38
C PHE D 124 -18.73 -14.91 28.55
N GLU D 125 -20.02 -14.97 28.86
CA GLU D 125 -20.56 -14.32 30.01
C GLU D 125 -21.38 -15.40 30.72
N THR D 126 -21.15 -15.53 32.03
CA THR D 126 -21.68 -16.63 32.85
C THR D 126 -22.22 -16.05 34.15
N TYR D 127 -23.06 -16.81 34.86
CA TYR D 127 -23.83 -16.29 35.99
C TYR D 127 -23.79 -17.19 37.22
N SER D 128 -22.73 -18.00 37.33
CA SER D 128 -22.53 -18.86 38.47
C SER D 128 -21.08 -19.25 38.65
N PRO D 129 -20.64 -19.48 39.90
CA PRO D 129 -19.23 -19.76 40.16
C PRO D 129 -18.65 -20.95 39.42
N LYS D 130 -19.48 -21.92 39.03
CA LYS D 130 -18.99 -23.13 38.39
C LYS D 130 -18.42 -22.83 36.99
N TYR D 131 -18.91 -21.76 36.38
CA TYR D 131 -18.53 -21.44 34.99
C TYR D 131 -17.69 -20.19 34.88
N LYS D 132 -17.26 -19.61 36.00
CA LYS D 132 -16.57 -18.32 35.90
C LYS D 132 -15.20 -18.45 35.21
N TRP D 133 -14.61 -19.64 35.22
CA TRP D 133 -13.41 -19.91 34.43
C TRP D 133 -13.59 -19.56 32.94
N MET D 134 -14.82 -19.55 32.43
CA MET D 134 -15.08 -19.16 31.02
C MET D 134 -14.81 -17.68 30.73
N MET D 135 -14.90 -16.85 31.79
CA MET D 135 -14.62 -15.45 31.69
C MET D 135 -13.16 -15.12 31.99
N ASN D 136 -12.33 -16.13 32.28
CA ASN D 136 -10.95 -15.93 32.72
C ASN D 136 -9.91 -16.72 31.96
N HIS D 137 -10.29 -17.15 30.76
CA HIS D 137 -9.35 -17.70 29.81
C HIS D 137 -9.65 -17.12 28.46
N ILE D 138 -8.67 -17.27 27.56
CA ILE D 138 -8.82 -17.01 26.13
C ILE D 138 -9.19 -18.31 25.42
N PHE D 139 -10.05 -18.17 24.41
CA PHE D 139 -10.52 -19.29 23.61
C PHE D 139 -10.38 -19.05 22.12
N VAL D 140 -10.19 -20.13 21.38
CA VAL D 140 -10.27 -20.18 19.93
C VAL D 140 -11.32 -21.23 19.54
N CYS D 141 -12.07 -20.91 18.49
CA CYS D 141 -13.07 -21.78 17.93
C CYS D 141 -12.74 -22.07 16.45
N CYS D 142 -12.65 -23.35 16.14
CA CYS D 142 -12.52 -23.85 14.76
C CYS D 142 -13.88 -24.28 14.25
N ALA D 143 -14.26 -23.76 13.09
CA ALA D 143 -15.59 -23.96 12.57
C ALA D 143 -15.57 -24.56 11.20
N SER D 144 -16.68 -25.17 10.86
CA SER D 144 -16.93 -25.66 9.55
C SER D 144 -18.35 -25.33 9.13
N ARG D 145 -18.49 -24.95 7.86
CA ARG D 145 -19.76 -24.51 7.26
C ARG D 145 -20.27 -25.64 6.37
N LEU D 146 -21.43 -26.20 6.72
CA LEU D 146 -22.10 -27.29 5.95
C LEU D 146 -23.37 -26.80 5.26
N ASN D 149 -26.09 -25.77 8.28
CA ASN D 149 -25.43 -26.12 9.55
C ASN D 149 -24.08 -25.45 9.71
N VAL D 150 -23.64 -25.32 10.96
CA VAL D 150 -22.26 -25.01 11.23
C VAL D 150 -21.80 -25.78 12.47
N LEU D 151 -20.58 -26.32 12.37
CA LEU D 151 -19.96 -27.08 13.41
C LEU D 151 -18.87 -26.23 14.03
N LEU D 152 -18.93 -26.03 15.33
CA LEU D 152 -17.95 -25.21 16.06
C LEU D 152 -17.33 -26.06 17.16
N LYS D 153 -16.00 -26.16 17.14
CA LYS D 153 -15.20 -26.77 18.21
C LYS D 153 -14.49 -25.67 18.98
N PHE D 154 -14.67 -25.66 20.30
CA PHE D 154 -14.15 -24.61 21.18
C PHE D 154 -12.96 -25.14 21.93
N TYR D 155 -11.89 -24.34 21.93
CA TYR D 155 -10.65 -24.69 22.60
C TYR D 155 -10.30 -23.62 23.61
N LYS D 156 -10.03 -24.06 24.83
CA LYS D 156 -9.54 -23.20 25.91
C LYS D 156 -8.05 -23.13 25.74
N ILE D 157 -7.50 -21.92 25.65
CA ILE D 157 -6.05 -21.75 25.59
C ILE D 157 -5.51 -21.92 27.02
N SER D 158 -4.55 -22.82 27.14
CA SER D 158 -3.89 -23.14 28.40
C SER D 158 -2.75 -22.15 28.60
N MET E 9 32.43 17.58 -5.56
CA MET E 9 32.58 16.41 -6.45
C MET E 9 33.86 15.67 -6.12
N ASN E 10 33.69 14.42 -5.71
CA ASN E 10 34.77 13.50 -5.43
C ASN E 10 34.34 12.12 -5.89
N TYR E 11 35.36 11.29 -6.09
CA TYR E 11 35.21 9.91 -6.54
C TYR E 11 36.31 9.06 -5.91
N GLU E 12 36.10 7.75 -5.86
CA GLU E 12 37.11 6.80 -5.45
C GLU E 12 37.12 5.63 -6.44
N GLU E 13 38.30 5.21 -6.86
CA GLU E 13 38.48 3.98 -7.63
C GLU E 13 37.99 2.82 -6.79
N VAL E 14 37.31 1.85 -7.38
CA VAL E 14 36.83 0.73 -6.61
C VAL E 14 37.40 -0.57 -7.15
N PHE E 15 37.31 -0.77 -8.47
CA PHE E 15 37.90 -1.94 -9.11
C PHE E 15 38.12 -1.78 -10.62
N SER E 16 38.76 -2.75 -11.23
CA SER E 16 38.95 -2.71 -12.67
C SER E 16 38.58 -4.07 -13.25
N ILE E 17 38.21 -4.10 -14.54
CA ILE E 17 38.01 -5.35 -15.27
C ILE E 17 38.75 -5.30 -16.58
N THR E 18 39.49 -6.37 -16.87
CA THR E 18 40.04 -6.59 -18.19
C THR E 18 39.21 -7.71 -18.79
N ILE E 19 38.40 -7.38 -19.80
CA ILE E 19 37.57 -8.39 -20.46
C ILE E 19 38.19 -8.75 -21.81
N THR E 20 38.11 -10.03 -22.16
CA THR E 20 38.48 -10.53 -23.46
C THR E 20 37.20 -10.77 -24.24
N VAL E 21 37.13 -10.20 -25.43
CA VAL E 21 35.91 -10.27 -26.23
C VAL E 21 36.14 -11.10 -27.48
N ASP E 22 35.07 -11.71 -28.00
CA ASP E 22 35.09 -12.44 -29.26
C ASP E 22 34.86 -11.45 -30.37
N LYS E 23 34.90 -11.92 -31.61
CA LYS E 23 34.70 -11.06 -32.79
C LYS E 23 33.26 -10.61 -32.82
N PRO E 24 33.00 -9.41 -33.34
CA PRO E 24 31.63 -8.92 -33.25
C PRO E 24 30.66 -9.76 -34.08
N ILE E 25 29.44 -9.98 -33.58
CA ILE E 25 28.39 -10.53 -34.43
C ILE E 25 27.71 -9.38 -35.15
N LEU E 26 27.94 -9.26 -36.45
CA LEU E 26 27.34 -8.19 -37.23
C LEU E 26 25.85 -8.46 -37.48
N ILE E 27 24.99 -7.52 -37.13
CA ILE E 27 23.57 -7.75 -37.35
C ILE E 27 23.15 -7.09 -38.67
N GLY E 28 23.30 -5.79 -38.76
CA GLY E 28 22.97 -5.07 -39.96
C GLY E 28 23.48 -3.65 -39.87
N GLN E 29 23.32 -2.93 -40.97
CA GLN E 29 23.78 -1.56 -41.04
C GLN E 29 23.04 -0.75 -42.09
N ASP E 30 22.72 0.49 -41.75
CA ASP E 30 22.31 1.43 -42.76
C ASP E 30 22.68 2.86 -42.37
N ASP E 31 22.28 3.80 -43.22
CA ASP E 31 22.72 5.17 -43.14
C ASP E 31 21.77 5.96 -42.27
N ILE E 32 20.84 5.24 -41.62
CA ILE E 32 19.82 5.86 -40.78
C ILE E 32 20.06 5.48 -39.33
N VAL E 33 20.03 4.19 -39.02
CA VAL E 33 20.21 3.74 -37.65
C VAL E 33 21.70 3.58 -37.28
N GLY E 34 22.52 3.17 -38.26
CA GLY E 34 23.93 2.83 -38.05
C GLY E 34 24.20 1.35 -38.14
N ARG E 35 25.31 0.91 -37.57
CA ARG E 35 25.77 -0.46 -37.62
C ARG E 35 25.60 -1.13 -36.25
N ARG E 36 24.80 -2.20 -36.20
CA ARG E 36 24.45 -2.89 -34.98
C ARG E 36 25.25 -4.15 -34.95
N GLN E 37 25.89 -4.39 -33.81
CA GLN E 37 26.53 -5.65 -33.57
C GLN E 37 26.54 -6.05 -32.07
N LEU E 38 26.65 -7.35 -31.85
CA LEU E 38 26.70 -7.94 -30.53
C LEU E 38 28.11 -8.47 -30.32
N ILE E 39 28.74 -8.08 -29.21
CA ILE E 39 30.11 -8.50 -28.87
C ILE E 39 30.01 -9.47 -27.69
N PRO E 40 30.26 -10.79 -27.93
CA PRO E 40 30.35 -11.70 -26.80
C PRO E 40 31.59 -11.43 -25.92
N ILE E 41 31.38 -11.53 -24.59
CA ILE E 41 32.44 -11.43 -23.60
C ILE E 41 32.89 -12.87 -23.35
N ILE E 42 34.15 -13.16 -23.65
CA ILE E 42 34.67 -14.49 -23.50
C ILE E 42 35.01 -14.77 -22.03
N SER E 43 35.81 -13.88 -21.45
CA SER E 43 36.28 -14.03 -20.07
C SER E 43 36.68 -12.64 -19.59
N GLY E 44 37.00 -12.55 -18.31
CA GLY E 44 37.39 -11.28 -17.76
C GLY E 44 37.91 -11.43 -16.35
N LYS E 45 38.83 -10.56 -15.98
CA LYS E 45 39.49 -10.58 -14.68
C LYS E 45 39.12 -9.32 -13.92
N VAL E 46 38.51 -9.48 -12.76
CA VAL E 46 38.14 -8.36 -11.92
C VAL E 46 39.27 -8.17 -10.89
N SER E 47 39.76 -6.95 -10.73
CA SER E 47 40.80 -6.68 -9.74
C SER E 47 40.55 -5.39 -8.99
N GLY E 48 41.01 -5.38 -7.74
CA GLY E 48 40.86 -4.23 -6.87
C GLY E 48 41.15 -4.63 -5.46
N ASN E 49 41.33 -3.64 -4.58
CA ASN E 49 41.59 -3.92 -3.18
C ASN E 49 40.35 -4.48 -2.56
N ASN E 50 40.46 -5.73 -2.13
CA ASN E 50 39.32 -6.44 -1.61
C ASN E 50 38.19 -6.51 -2.66
N PHE E 51 38.53 -6.62 -3.93
CA PHE E 51 37.52 -6.70 -4.97
C PHE E 51 38.08 -7.46 -6.17
N ASN E 52 38.21 -8.77 -5.98
CA ASN E 52 38.88 -9.66 -6.95
C ASN E 52 38.02 -10.84 -7.34
N GLY E 53 38.09 -11.19 -8.61
CA GLY E 53 37.21 -12.20 -9.19
C GLY E 53 37.27 -12.29 -10.71
N LYS E 54 36.20 -12.85 -11.27
CA LYS E 54 36.15 -13.13 -12.69
C LYS E 54 34.77 -12.76 -13.28
N VAL E 55 34.69 -12.62 -14.60
CA VAL E 55 33.38 -12.37 -15.23
C VAL E 55 32.77 -13.71 -15.57
N LEU E 56 31.46 -13.79 -15.41
CA LEU E 56 30.71 -15.02 -15.59
C LEU E 56 30.31 -15.19 -17.05
N PRO E 57 29.88 -16.41 -17.44
CA PRO E 57 29.36 -16.60 -18.80
C PRO E 57 28.06 -15.83 -19.07
N GLY E 58 27.74 -15.65 -20.35
CA GLY E 58 26.49 -15.06 -20.80
C GLY E 58 26.60 -13.59 -21.07
N GLY E 59 27.84 -13.06 -21.08
CA GLY E 59 28.08 -11.62 -21.25
C GLY E 59 28.00 -11.22 -22.71
N ILE E 60 27.27 -10.15 -23.00
CA ILE E 60 27.15 -9.60 -24.34
C ILE E 60 27.07 -8.08 -24.27
N ASP E 61 27.85 -7.40 -25.11
CA ASP E 61 27.75 -5.96 -25.31
C ASP E 61 26.99 -5.67 -26.61
N SER E 62 25.86 -4.99 -26.48
CA SER E 62 25.06 -4.62 -27.64
C SER E 62 25.45 -3.20 -28.03
N GLN E 63 25.91 -3.04 -29.27
CA GLN E 63 26.57 -1.81 -29.69
C GLN E 63 25.98 -1.29 -31.00
N ILE E 64 25.79 0.02 -31.10
CA ILE E 64 25.42 0.62 -32.35
C ILE E 64 26.31 1.83 -32.67
N VAL E 65 26.94 1.77 -33.83
CA VAL E 65 27.70 2.89 -34.36
C VAL E 65 26.76 3.68 -35.23
N ARG E 66 26.48 4.88 -34.77
CA ARG E 66 25.61 5.75 -35.51
C ARG E 66 26.28 6.23 -36.79
N PRO E 67 25.47 6.68 -37.76
CA PRO E 67 26.05 7.18 -39.01
C PRO E 67 27.11 8.25 -38.81
N ASP E 68 27.00 9.09 -37.78
CA ASP E 68 28.03 10.10 -37.53
C ASP E 68 29.30 9.53 -36.91
N GLY E 69 29.33 8.22 -36.62
CA GLY E 69 30.50 7.59 -36.03
C GLY E 69 30.48 7.39 -34.51
N LYS E 70 29.53 8.03 -33.81
CA LYS E 70 29.34 7.81 -32.38
C LYS E 70 28.85 6.36 -32.09
N CYS E 71 29.53 5.71 -31.17
CA CYS E 71 29.18 4.38 -30.74
C CYS E 71 28.41 4.40 -29.43
N GLU E 72 27.21 3.81 -29.41
CA GLU E 72 26.40 3.71 -28.20
C GLU E 72 26.42 2.27 -27.73
N LEU E 73 26.82 2.04 -26.48
CA LEU E 73 27.09 0.69 -25.99
C LEU E 73 26.22 0.32 -24.80
N SER E 74 25.73 -0.93 -24.78
CA SER E 74 24.99 -1.46 -23.63
C SER E 74 25.39 -2.91 -23.40
N ALA E 75 26.19 -3.14 -22.36
CA ALA E 75 26.62 -4.48 -21.98
C ALA E 75 25.84 -4.97 -20.78
N ARG E 76 25.53 -6.25 -20.82
CA ARG E 76 24.89 -6.96 -19.72
C ARG E 76 25.81 -8.15 -19.40
N TYR E 77 26.36 -8.16 -18.19
CA TYR E 77 27.17 -9.26 -17.73
C TYR E 77 27.28 -9.31 -16.22
N ALA E 78 27.87 -10.40 -15.74
CA ALA E 78 27.91 -10.70 -14.33
C ALA E 78 29.34 -11.06 -13.95
N ILE E 79 29.70 -10.75 -12.70
CA ILE E 79 31.00 -11.16 -12.13
C ILE E 79 30.79 -11.93 -10.82
N ARG E 80 31.73 -12.80 -10.49
CA ARG E 80 31.71 -13.49 -9.22
C ARG E 80 33.03 -13.22 -8.54
N LEU E 81 32.94 -12.71 -7.31
CA LEU E 81 34.09 -12.36 -6.52
C LEU E 81 34.65 -13.62 -5.86
N ASP E 82 35.90 -13.55 -5.39
CA ASP E 82 36.51 -14.72 -4.76
C ASP E 82 35.87 -15.10 -3.41
N ASP E 83 35.12 -14.19 -2.77
CA ASP E 83 34.32 -14.55 -1.58
C ASP E 83 32.97 -15.19 -1.94
N GLY E 84 32.78 -15.46 -3.23
CA GLY E 84 31.58 -16.11 -3.73
C GLY E 84 30.45 -15.19 -4.12
N ALA E 85 30.53 -13.90 -3.77
CA ALA E 85 29.46 -12.94 -4.13
C ALA E 85 29.41 -12.62 -5.63
N ALA E 86 28.20 -12.60 -6.17
CA ALA E 86 27.96 -12.22 -7.56
C ALA E 86 27.37 -10.82 -7.67
N ILE E 87 27.73 -10.14 -8.74
CA ILE E 87 27.26 -8.80 -9.06
C ILE E 87 26.86 -8.85 -10.54
N TYR E 88 25.59 -8.53 -10.82
CA TYR E 88 25.08 -8.35 -12.19
C TYR E 88 25.28 -6.89 -12.58
N ILE E 89 25.86 -6.67 -13.75
CA ILE E 89 26.20 -5.36 -14.26
C ILE E 89 25.47 -5.07 -15.58
N GLU E 90 24.82 -3.93 -15.65
CA GLU E 90 24.47 -3.36 -16.96
C GLU E 90 25.25 -2.06 -17.22
N ASN E 91 26.13 -2.08 -18.21
CA ASN E 91 27.06 -0.96 -18.43
C ASN E 91 26.73 -0.25 -19.72
N ASN E 92 26.29 1.00 -19.61
CA ASN E 92 25.79 1.80 -20.73
C ASN E 92 26.62 3.06 -20.90
N GLY E 93 27.12 3.31 -22.10
CA GLY E 93 27.92 4.49 -22.33
C GLY E 93 28.20 4.70 -23.79
N ILE E 94 29.24 5.49 -24.04
CA ILE E 94 29.51 5.97 -25.37
C ILE E 94 30.98 5.88 -25.67
N ARG E 95 31.30 5.66 -26.94
CA ARG E 95 32.67 5.73 -27.44
C ARG E 95 32.68 6.59 -28.70
N THR E 96 33.45 7.68 -28.64
CA THR E 96 33.54 8.61 -29.74
C THR E 96 34.99 8.84 -30.11
N VAL E 97 35.21 9.47 -31.26
CA VAL E 97 36.55 9.56 -31.84
C VAL E 97 36.72 10.79 -32.73
N PRO E 98 37.93 11.39 -32.78
CA PRO E 98 38.12 12.48 -33.74
C PRO E 98 37.79 12.08 -35.17
N ASP E 99 37.72 13.09 -36.03
CA ASP E 99 37.03 12.94 -37.31
C ASP E 99 37.68 11.97 -38.32
N GLU E 100 39.01 11.82 -38.33
CA GLU E 100 39.63 10.95 -39.35
C GLU E 100 39.46 9.45 -39.11
N TYR E 101 39.09 9.07 -37.89
CA TYR E 101 38.82 7.67 -37.55
C TYR E 101 37.34 7.27 -37.65
N ILE E 102 36.51 8.13 -38.25
CA ILE E 102 35.05 7.90 -38.27
C ILE E 102 34.64 6.82 -39.27
N GLU E 103 35.11 6.93 -40.52
CA GLU E 103 34.89 5.86 -41.52
C GLU E 103 35.58 4.57 -41.08
N ALA E 104 36.73 4.72 -40.40
CA ALA E 104 37.46 3.59 -39.80
C ALA E 104 36.63 2.74 -38.82
N VAL E 105 35.86 3.39 -37.93
CA VAL E 105 35.15 2.64 -36.87
C VAL E 105 33.79 2.02 -37.30
N ASP E 112 42.84 2.31 -32.55
CA ASP E 112 43.94 3.18 -32.07
C ASP E 112 43.60 3.70 -30.67
N PRO E 113 43.91 2.87 -29.64
CA PRO E 113 43.33 3.01 -28.31
C PRO E 113 43.30 4.44 -27.81
N ASN E 114 44.40 5.14 -28.02
CA ASN E 114 44.53 6.46 -27.42
C ASN E 114 43.35 7.40 -27.64
N ALA E 115 43.08 7.72 -28.90
CA ALA E 115 42.25 8.87 -29.23
C ALA E 115 40.72 8.71 -29.00
N TYR E 116 40.28 7.63 -28.38
CA TYR E 116 38.87 7.44 -28.07
C TYR E 116 38.49 8.27 -26.88
N TYR E 117 37.29 8.83 -26.90
CA TYR E 117 36.58 9.09 -25.68
C TYR E 117 35.71 7.88 -25.39
N PHE E 118 35.99 7.15 -24.30
CA PHE E 118 35.23 5.93 -24.00
C PHE E 118 34.87 5.93 -22.50
N ARG E 119 33.64 6.34 -22.19
CA ARG E 119 33.16 6.50 -20.82
C ARG E 119 31.78 5.87 -20.68
N THR E 120 31.49 5.29 -19.50
CA THR E 120 30.24 4.57 -19.28
C THR E 120 29.65 4.77 -17.88
N ILE E 121 28.40 4.38 -17.72
CA ILE E 121 27.69 4.38 -16.43
C ILE E 121 27.23 2.93 -16.16
N PRO E 122 27.85 2.29 -15.13
CA PRO E 122 27.35 0.99 -14.69
C PRO E 122 26.24 1.12 -13.67
N THR E 123 25.31 0.20 -13.73
CA THR E 123 24.41 -0.04 -12.59
C THR E 123 24.55 -1.49 -12.19
N PHE E 124 24.55 -1.71 -10.88
CA PHE E 124 24.86 -2.99 -10.27
C PHE E 124 23.64 -3.53 -9.58
N GLU E 125 23.60 -4.87 -9.57
CA GLU E 125 22.62 -5.63 -8.84
C GLU E 125 23.38 -6.65 -8.02
N THR E 126 23.17 -6.61 -6.71
CA THR E 126 23.89 -7.43 -5.72
C THR E 126 22.88 -8.15 -4.84
N TYR E 127 23.35 -9.19 -4.14
CA TYR E 127 22.45 -10.14 -3.48
C TYR E 127 22.79 -10.44 -2.01
N SER E 128 23.49 -9.52 -1.35
CA SER E 128 23.92 -9.70 0.04
C SER E 128 24.24 -8.37 0.64
N PRO E 129 24.02 -8.23 1.96
CA PRO E 129 24.15 -6.95 2.62
C PRO E 129 25.49 -6.27 2.43
N LYS E 130 26.54 -7.07 2.42
CA LYS E 130 27.91 -6.59 2.24
C LYS E 130 28.11 -5.73 0.97
N TYR E 131 27.28 -5.95 -0.06
CA TYR E 131 27.45 -5.29 -1.35
C TYR E 131 26.29 -4.38 -1.75
N LYS E 132 25.33 -4.16 -0.87
CA LYS E 132 24.17 -3.34 -1.21
C LYS E 132 24.59 -1.91 -1.49
N TRP E 133 25.69 -1.48 -0.92
CA TRP E 133 26.26 -0.17 -1.22
C TRP E 133 26.40 0.09 -2.70
N MET E 134 26.61 -0.95 -3.52
CA MET E 134 26.80 -0.81 -4.94
C MET E 134 25.50 -0.45 -5.64
N MET E 135 24.36 -0.72 -4.98
CA MET E 135 23.04 -0.32 -5.51
C MET E 135 22.65 1.07 -5.03
N ASN E 136 23.46 1.70 -4.20
CA ASN E 136 23.06 2.94 -3.54
C ASN E 136 24.01 4.06 -3.76
N HIS E 137 24.94 3.86 -4.70
CA HIS E 137 25.79 4.94 -5.18
C HIS E 137 25.77 5.03 -6.71
N ILE E 138 26.08 6.21 -7.21
CA ILE E 138 26.34 6.44 -8.62
C ILE E 138 27.80 6.12 -8.95
N PHE E 139 28.02 5.49 -10.09
CA PHE E 139 29.35 5.09 -10.56
C PHE E 139 29.59 5.58 -12.00
N VAL E 140 30.86 5.71 -12.36
CA VAL E 140 31.31 6.08 -13.70
C VAL E 140 32.46 5.11 -14.02
N CYS E 141 32.51 4.63 -15.26
CA CYS E 141 33.65 3.85 -15.79
C CYS E 141 34.48 4.63 -16.75
N CYS E 142 35.79 4.50 -16.63
CA CYS E 142 36.68 4.94 -17.67
C CYS E 142 37.14 3.68 -18.33
N ALA E 143 37.06 3.62 -19.67
CA ALA E 143 37.35 2.41 -20.42
C ALA E 143 38.27 2.66 -21.59
N SER E 144 38.81 1.56 -22.09
CA SER E 144 39.74 1.57 -23.20
C SER E 144 39.46 0.34 -24.06
N ARG E 145 39.39 0.53 -25.38
CA ARG E 145 39.17 -0.61 -26.28
C ARG E 145 40.45 -0.99 -27.04
N LEU E 146 40.77 -2.27 -26.93
CA LEU E 146 41.91 -2.88 -27.59
C LEU E 146 41.29 -3.91 -28.52
N PRO E 147 42.10 -4.49 -29.43
CA PRO E 147 41.51 -5.27 -30.52
C PRO E 147 40.70 -6.48 -30.01
N GLU E 148 41.23 -7.22 -29.03
CA GLU E 148 40.45 -8.32 -28.46
C GLU E 148 40.10 -8.13 -26.98
N ASN E 149 40.17 -6.91 -26.46
CA ASN E 149 39.66 -6.69 -25.11
C ASN E 149 39.27 -5.27 -24.78
N VAL E 150 38.58 -5.12 -23.65
CA VAL E 150 38.28 -3.82 -23.15
C VAL E 150 38.71 -3.74 -21.69
N LEU E 151 39.24 -2.58 -21.34
CA LEU E 151 39.78 -2.35 -20.02
C LEU E 151 38.83 -1.36 -19.37
N LEU E 152 38.33 -1.70 -18.20
CA LEU E 152 37.36 -0.89 -17.47
C LEU E 152 37.89 -0.58 -16.08
N LYS E 153 37.78 0.69 -15.66
CA LYS E 153 38.05 1.10 -14.29
C LYS E 153 36.80 1.73 -13.77
N PHE E 154 36.36 1.26 -12.60
CA PHE E 154 35.11 1.70 -11.98
C PHE E 154 35.39 2.69 -10.85
N TYR E 155 34.67 3.82 -10.88
CA TYR E 155 34.80 4.84 -9.86
C TYR E 155 33.45 5.04 -9.19
N LYS E 156 33.44 5.04 -7.87
CA LYS E 156 32.28 5.41 -7.08
C LYS E 156 32.24 6.91 -6.92
N ILE E 157 31.09 7.53 -7.22
CA ILE E 157 30.93 8.95 -7.01
C ILE E 157 30.53 9.14 -5.55
N SER E 158 31.35 9.92 -4.85
CA SER E 158 31.09 10.20 -3.47
C SER E 158 30.26 11.47 -3.39
N GLU F 8 42.85 8.27 -16.91
CA GLU F 8 42.45 8.70 -15.58
C GLU F 8 41.10 9.43 -15.62
N MET F 9 40.41 9.34 -14.50
CA MET F 9 39.16 10.03 -14.32
C MET F 9 39.38 11.52 -14.13
N ASN F 10 38.88 12.30 -15.09
CA ASN F 10 38.95 13.73 -14.97
C ASN F 10 37.56 14.29 -15.20
N TYR F 11 37.38 15.55 -14.83
CA TYR F 11 36.10 16.20 -14.99
C TYR F 11 36.21 17.74 -15.03
N GLU F 12 35.23 18.37 -15.66
CA GLU F 12 35.11 19.85 -15.71
C GLU F 12 33.73 20.25 -15.17
N GLU F 13 33.65 21.14 -14.17
CA GLU F 13 32.32 21.64 -13.78
C GLU F 13 31.85 22.59 -14.88
N VAL F 14 30.71 22.29 -15.49
CA VAL F 14 30.24 23.02 -16.66
C VAL F 14 29.21 24.10 -16.30
N PHE F 15 28.30 23.79 -15.38
CA PHE F 15 27.31 24.75 -14.97
C PHE F 15 26.55 24.25 -13.75
N SER F 16 25.79 25.17 -13.16
CA SER F 16 24.93 24.92 -12.05
C SER F 16 23.52 25.39 -12.37
N ILE F 17 22.57 24.82 -11.66
CA ILE F 17 21.18 25.28 -11.72
C ILE F 17 20.66 25.38 -10.30
N THR F 18 20.07 26.52 -9.96
CA THR F 18 19.32 26.63 -8.75
C THR F 18 17.85 26.60 -9.11
N ILE F 19 17.20 25.51 -8.73
CA ILE F 19 15.81 25.27 -9.05
C ILE F 19 14.92 25.60 -7.87
N THR F 20 13.81 26.28 -8.13
CA THR F 20 12.73 26.45 -7.17
C THR F 20 11.63 25.44 -7.54
N VAL F 21 11.21 24.65 -6.56
CA VAL F 21 10.18 23.62 -6.79
C VAL F 21 8.88 23.88 -6.02
N ASP F 22 7.77 23.40 -6.57
CA ASP F 22 6.48 23.52 -5.87
C ASP F 22 6.34 22.40 -4.87
N LYS F 23 5.30 22.44 -4.04
CA LYS F 23 5.00 21.34 -3.11
C LYS F 23 4.82 20.03 -3.90
N PRO F 24 5.17 18.89 -3.30
CA PRO F 24 4.97 17.62 -4.01
C PRO F 24 3.50 17.32 -4.27
N ILE F 25 3.25 16.68 -5.41
CA ILE F 25 1.98 16.08 -5.75
C ILE F 25 2.10 14.62 -5.36
N LEU F 26 1.54 14.26 -4.21
CA LEU F 26 1.67 12.91 -3.70
C LEU F 26 0.74 12.03 -4.46
N ILE F 27 1.24 10.94 -5.00
CA ILE F 27 0.37 10.07 -5.79
C ILE F 27 -0.16 8.98 -4.92
N GLY F 28 0.75 8.15 -4.43
CA GLY F 28 0.37 7.12 -3.50
C GLY F 28 1.53 6.39 -2.94
N GLN F 29 1.22 5.58 -1.95
CA GLN F 29 2.21 4.87 -1.21
C GLN F 29 1.68 3.51 -0.77
N ASP F 30 2.56 2.53 -0.78
CA ASP F 30 2.39 1.28 -0.04
C ASP F 30 3.78 0.78 0.41
N ASP F 31 3.81 -0.31 1.15
CA ASP F 31 5.06 -0.84 1.75
C ASP F 31 5.82 -1.86 0.88
N ILE F 32 5.51 -1.99 -0.41
CA ILE F 32 6.44 -2.71 -1.33
C ILE F 32 6.94 -1.75 -2.42
N VAL F 33 6.09 -0.91 -2.99
CA VAL F 33 6.56 -0.03 -4.07
C VAL F 33 7.21 1.23 -3.48
N GLY F 34 6.67 1.68 -2.36
CA GLY F 34 7.09 2.93 -1.76
C GLY F 34 6.14 4.08 -2.07
N ARG F 35 6.67 5.30 -1.93
CA ARG F 35 5.91 6.55 -2.01
C ARG F 35 6.27 7.31 -3.30
N ARG F 36 5.27 7.51 -4.17
CA ARG F 36 5.46 8.10 -5.46
C ARG F 36 4.95 9.50 -5.41
N GLN F 37 5.75 10.45 -5.89
CA GLN F 37 5.33 11.84 -5.94
C GLN F 37 5.86 12.56 -7.16
N LEU F 38 5.13 13.59 -7.59
CA LEU F 38 5.58 14.47 -8.67
C LEU F 38 5.92 15.83 -8.12
N ILE F 39 7.13 16.28 -8.45
CA ILE F 39 7.66 17.57 -8.03
C ILE F 39 7.70 18.53 -9.22
N PRO F 40 6.77 19.50 -9.26
CA PRO F 40 6.81 20.53 -10.28
C PRO F 40 8.00 21.45 -10.10
N ILE F 41 8.68 21.74 -11.20
CA ILE F 41 9.78 22.70 -11.20
C ILE F 41 9.16 24.05 -11.56
N ILE F 42 9.26 25.03 -10.66
CA ILE F 42 8.63 26.33 -10.86
C ILE F 42 9.53 27.24 -11.68
N SER F 43 10.78 27.30 -11.29
CA SER F 43 11.74 28.09 -12.00
C SER F 43 13.14 27.58 -11.71
N GLY F 44 14.12 28.21 -12.33
CA GLY F 44 15.48 27.79 -12.18
C GLY F 44 16.45 28.68 -12.91
N LYS F 45 17.62 28.84 -12.32
CA LYS F 45 18.62 29.75 -12.77
C LYS F 45 19.86 28.95 -13.09
N VAL F 46 20.30 29.09 -14.33
CA VAL F 46 21.44 28.38 -14.86
C VAL F 46 22.62 29.34 -14.88
N SER F 47 23.73 28.91 -14.30
CA SER F 47 24.94 29.71 -14.28
C SER F 47 26.15 28.87 -14.53
N GLY F 48 27.08 29.43 -15.28
CA GLY F 48 28.33 28.74 -15.57
C GLY F 48 29.09 29.62 -16.53
N ASN F 49 30.33 29.29 -16.80
CA ASN F 49 31.10 30.08 -17.74
C ASN F 49 30.59 29.81 -19.14
N ASN F 50 30.15 30.87 -19.81
CA ASN F 50 29.53 30.77 -21.13
C ASN F 50 28.30 29.87 -21.12
N PHE F 51 27.60 29.83 -19.98
CA PHE F 51 26.46 28.94 -19.82
C PHE F 51 25.47 29.57 -18.83
N ASN F 52 24.77 30.60 -19.29
CA ASN F 52 23.78 31.31 -18.47
C ASN F 52 22.39 31.34 -19.08
N GLY F 53 21.39 31.08 -18.27
CA GLY F 53 20.03 31.01 -18.77
C GLY F 53 19.05 30.68 -17.71
N LYS F 54 17.94 30.06 -18.11
CA LYS F 54 16.88 29.75 -17.17
C LYS F 54 16.13 28.48 -17.54
N VAL F 55 15.41 27.95 -16.58
CA VAL F 55 14.67 26.70 -16.76
C VAL F 55 13.33 27.09 -17.39
N LEU F 56 12.91 26.29 -18.34
CA LEU F 56 11.67 26.52 -19.07
C LEU F 56 10.47 25.91 -18.32
N PRO F 57 9.25 26.30 -18.69
CA PRO F 57 8.07 25.65 -18.10
C PRO F 57 8.01 24.15 -18.43
N GLY F 58 7.16 23.41 -17.72
CA GLY F 58 6.86 21.97 -18.05
C GLY F 58 7.65 20.94 -17.31
N GLY F 59 8.52 21.41 -16.40
CA GLY F 59 9.42 20.55 -15.64
C GLY F 59 8.79 19.83 -14.47
N ILE F 60 9.04 18.50 -14.39
CA ILE F 60 8.53 17.62 -13.36
C ILE F 60 9.63 16.62 -12.95
N ASP F 61 9.83 16.47 -11.66
CA ASP F 61 10.62 15.37 -11.11
C ASP F 61 9.68 14.30 -10.56
N SER F 62 9.76 13.13 -11.19
CA SER F 62 9.00 11.99 -10.79
C SER F 62 9.89 11.19 -9.85
N GLN F 63 9.45 11.04 -8.62
CA GLN F 63 10.27 10.50 -7.54
C GLN F 63 9.57 9.32 -6.87
N ILE F 64 10.33 8.28 -6.53
CA ILE F 64 9.79 7.26 -5.65
C ILE F 64 10.74 6.98 -4.46
N VAL F 65 10.22 7.15 -3.23
CA VAL F 65 10.96 6.83 -2.00
C VAL F 65 10.59 5.40 -1.69
N ARG F 66 11.54 4.50 -1.89
CA ARG F 66 11.34 3.09 -1.68
C ARG F 66 11.20 2.79 -0.16
N PRO F 67 10.63 1.62 0.18
CA PRO F 67 10.41 1.22 1.59
C PRO F 67 11.67 1.25 2.44
N ASP F 68 12.82 0.92 1.83
CA ASP F 68 14.11 1.00 2.50
C ASP F 68 14.60 2.43 2.70
N GLY F 69 13.85 3.40 2.18
CA GLY F 69 14.22 4.80 2.36
C GLY F 69 15.00 5.42 1.20
N LYS F 70 15.31 4.65 0.16
CA LYS F 70 16.08 5.22 -0.94
C LYS F 70 15.14 5.87 -1.94
N CYS F 71 15.44 7.12 -2.28
CA CYS F 71 14.70 7.86 -3.29
C CYS F 71 15.29 7.69 -4.70
N GLU F 72 14.47 7.27 -5.66
CA GLU F 72 14.84 7.24 -7.08
C GLU F 72 14.15 8.38 -7.78
N LEU F 73 14.93 9.20 -8.47
CA LEU F 73 14.46 10.46 -9.05
C LEU F 73 14.66 10.45 -10.57
N SER F 74 13.65 10.90 -11.32
CA SER F 74 13.76 11.11 -12.76
C SER F 74 13.12 12.42 -13.14
N ALA F 75 13.92 13.45 -13.45
CA ALA F 75 13.39 14.73 -13.86
C ALA F 75 13.47 14.91 -15.37
N ARG F 76 12.43 15.50 -15.94
CA ARG F 76 12.42 15.94 -17.30
C ARG F 76 12.13 17.42 -17.30
N TYR F 77 13.06 18.17 -17.90
CA TYR F 77 12.92 19.62 -17.99
C TYR F 77 13.90 20.20 -19.00
N ALA F 78 13.75 21.50 -19.28
CA ALA F 78 14.53 22.14 -20.29
C ALA F 78 14.99 23.47 -19.78
N ILE F 79 16.09 23.92 -20.40
CA ILE F 79 16.65 25.24 -20.14
C ILE F 79 16.77 26.03 -21.44
N ARG F 80 16.64 27.36 -21.34
CA ARG F 80 16.98 28.27 -22.44
C ARG F 80 18.13 29.14 -22.04
N LEU F 81 19.17 29.12 -22.87
CA LEU F 81 20.37 29.88 -22.60
C LEU F 81 20.24 31.27 -23.16
N ASP F 82 21.09 32.17 -22.70
CA ASP F 82 20.96 33.58 -23.06
C ASP F 82 21.26 33.85 -24.53
N ASP F 83 21.92 32.93 -25.22
CA ASP F 83 22.07 33.04 -26.69
C ASP F 83 20.85 32.50 -27.51
N GLY F 84 19.81 32.02 -26.82
CA GLY F 84 18.58 31.52 -27.45
C GLY F 84 18.47 30.00 -27.64
N ALA F 85 19.56 29.27 -27.44
CA ALA F 85 19.56 27.82 -27.53
C ALA F 85 18.85 27.15 -26.33
N ALA F 86 18.27 25.96 -26.58
CA ALA F 86 17.61 25.14 -25.60
C ALA F 86 18.38 23.85 -25.39
N ILE F 87 18.23 23.30 -24.20
CA ILE F 87 18.75 22.03 -23.82
C ILE F 87 17.64 21.32 -23.08
N TYR F 88 17.33 20.11 -23.56
CA TYR F 88 16.41 19.24 -22.91
C TYR F 88 17.19 18.26 -22.03
N ILE F 89 16.76 18.15 -20.78
CA ILE F 89 17.49 17.38 -19.76
C ILE F 89 16.59 16.27 -19.19
N GLU F 90 17.05 15.03 -19.22
CA GLU F 90 16.47 14.04 -18.35
C GLU F 90 17.50 13.66 -17.33
N ASN F 91 17.17 13.88 -16.06
CA ASN F 91 18.15 13.75 -14.98
C ASN F 91 17.71 12.63 -14.08
N ASN F 92 18.46 11.52 -14.06
CA ASN F 92 18.12 10.31 -13.35
C ASN F 92 19.12 10.00 -12.26
N GLY F 93 18.63 9.92 -11.02
CA GLY F 93 19.54 9.63 -9.93
C GLY F 93 18.93 9.05 -8.68
N ILE F 94 19.67 9.22 -7.58
CA ILE F 94 19.26 8.70 -6.29
C ILE F 94 19.54 9.66 -5.17
N ARG F 95 18.71 9.57 -4.15
CA ARG F 95 18.88 10.34 -2.93
C ARG F 95 18.71 9.40 -1.76
N THR F 96 19.73 9.32 -0.93
CA THR F 96 19.70 8.46 0.24
C THR F 96 20.03 9.26 1.51
N VAL F 97 19.57 8.74 2.64
CA VAL F 97 19.93 9.26 3.96
C VAL F 97 20.40 8.11 4.86
N PRO F 98 21.20 8.43 5.87
CA PRO F 98 21.51 7.48 6.94
C PRO F 98 20.28 6.91 7.64
N ASP F 99 20.42 5.72 8.21
CA ASP F 99 19.30 5.04 8.90
C ASP F 99 18.43 5.90 9.80
N GLU F 100 19.07 6.78 10.56
CA GLU F 100 18.31 7.56 11.53
C GLU F 100 17.44 8.62 10.89
N TYR F 101 17.55 8.83 9.59
CA TYR F 101 16.72 9.84 8.93
C TYR F 101 15.61 9.21 8.08
N ILE F 102 15.62 7.89 7.97
CA ILE F 102 14.68 7.19 7.09
C ILE F 102 13.21 7.41 7.48
N GLU F 103 12.90 7.27 8.77
CA GLU F 103 11.52 7.54 9.21
C GLU F 103 11.14 8.96 8.76
N ALA F 104 12.02 9.94 9.04
CA ALA F 104 11.77 11.34 8.68
C ALA F 104 11.45 11.49 7.19
N VAL F 105 12.25 10.81 6.37
CA VAL F 105 12.13 10.83 4.91
C VAL F 105 10.82 10.22 4.41
N LYS F 106 10.10 9.47 5.24
CA LYS F 106 9.03 8.63 4.71
C LYS F 106 7.50 8.94 4.73
N PHE F 110 11.71 16.63 4.89
CA PHE F 110 12.85 17.49 4.57
C PHE F 110 13.82 17.50 5.75
N VAL F 111 14.91 16.75 5.61
CA VAL F 111 15.88 16.59 6.69
C VAL F 111 17.12 17.45 6.43
N ASP F 112 17.98 17.55 7.43
CA ASP F 112 19.28 18.19 7.28
C ASP F 112 19.88 17.89 5.89
N PRO F 113 20.19 18.94 5.11
CA PRO F 113 20.81 18.73 3.80
C PRO F 113 22.16 18.02 3.84
N ASN F 114 22.87 18.12 4.96
CA ASN F 114 24.12 17.35 5.08
C ASN F 114 23.91 15.85 5.26
N ALA F 115 22.65 15.45 5.49
CA ALA F 115 22.33 14.04 5.58
C ALA F 115 22.43 13.32 4.23
N TYR F 116 22.14 14.03 3.13
CA TYR F 116 21.90 13.39 1.85
C TYR F 116 23.13 12.92 1.07
N TYR F 117 23.06 11.72 0.49
CA TYR F 117 23.82 11.39 -0.71
C TYR F 117 22.86 11.67 -1.88
N PHE F 118 23.18 12.67 -2.71
CA PHE F 118 22.29 13.11 -3.74
C PHE F 118 23.08 13.28 -5.04
N ARG F 119 22.99 12.28 -5.91
CA ARG F 119 23.78 12.24 -7.11
C ARG F 119 22.98 11.71 -8.26
N THR F 120 23.15 12.29 -9.45
CA THR F 120 22.40 11.90 -10.62
C THR F 120 23.25 11.90 -11.89
N ILE F 121 22.72 11.25 -12.93
CA ILE F 121 23.32 11.23 -14.25
C ILE F 121 22.33 11.90 -15.22
N PRO F 122 22.70 13.08 -15.75
CA PRO F 122 21.90 13.72 -16.80
C PRO F 122 22.30 13.29 -18.20
N THR F 123 21.26 13.20 -19.02
CA THR F 123 21.31 13.10 -20.45
C THR F 123 20.79 14.34 -21.06
N PHE F 124 21.46 14.84 -22.10
CA PHE F 124 21.09 16.09 -22.77
C PHE F 124 20.68 15.88 -24.20
N GLU F 125 19.78 16.71 -24.67
CA GLU F 125 19.47 16.81 -26.08
C GLU F 125 19.50 18.29 -26.46
N THR F 126 20.21 18.60 -27.56
CA THR F 126 20.60 19.94 -27.95
C THR F 126 20.32 20.08 -29.46
N TYR F 127 20.28 21.31 -29.95
CA TYR F 127 19.74 21.54 -31.31
C TYR F 127 20.65 22.48 -32.08
N SER F 128 21.94 22.45 -31.75
CA SER F 128 22.93 23.41 -32.26
C SER F 128 24.30 22.70 -32.25
N PRO F 129 25.16 22.90 -33.29
CA PRO F 129 26.51 22.32 -33.15
C PRO F 129 27.31 22.92 -31.99
N LYS F 130 26.96 24.11 -31.53
CA LYS F 130 27.66 24.70 -30.38
C LYS F 130 27.50 23.82 -29.15
N TYR F 131 26.36 23.12 -29.03
CA TYR F 131 26.10 22.34 -27.84
C TYR F 131 26.04 20.86 -28.09
N LYS F 132 26.43 20.36 -29.26
CA LYS F 132 26.33 18.92 -29.49
C LYS F 132 27.34 18.12 -28.64
N TRP F 133 28.34 18.78 -28.07
CA TRP F 133 29.26 18.10 -27.13
C TRP F 133 28.49 17.54 -25.92
N MET F 134 27.37 18.17 -25.54
CA MET F 134 26.59 17.74 -24.42
C MET F 134 25.90 16.39 -24.67
N MET F 135 25.80 16.02 -25.93
CA MET F 135 25.17 14.74 -26.32
C MET F 135 26.22 13.71 -26.56
N ASN F 136 27.50 14.08 -26.43
CA ASN F 136 28.57 13.17 -26.77
C ASN F 136 29.60 12.98 -25.67
N HIS F 137 29.22 13.33 -24.44
CA HIS F 137 30.04 13.07 -23.26
C HIS F 137 29.14 12.48 -22.17
N ILE F 138 29.76 11.78 -21.23
CA ILE F 138 29.11 11.36 -19.98
C ILE F 138 29.22 12.46 -18.93
N PHE F 139 28.16 12.62 -18.12
CA PHE F 139 28.04 13.71 -17.14
C PHE F 139 27.58 13.14 -15.83
N VAL F 140 27.89 13.86 -14.76
CA VAL F 140 27.44 13.54 -13.40
C VAL F 140 26.92 14.81 -12.79
N CYS F 141 25.88 14.67 -11.98
CA CYS F 141 25.35 15.82 -11.28
C CYS F 141 25.40 15.61 -9.72
N CYS F 142 25.96 16.59 -9.02
CA CYS F 142 25.92 16.68 -7.58
C CYS F 142 24.85 17.68 -7.20
N ALA F 143 23.95 17.28 -6.34
CA ALA F 143 22.79 18.08 -6.02
C ALA F 143 22.67 18.18 -4.50
N SER F 144 21.95 19.19 -4.02
CA SER F 144 21.52 19.26 -2.61
C SER F 144 20.07 19.73 -2.57
N ARG F 145 19.37 19.28 -1.53
CA ARG F 145 17.92 19.49 -1.37
C ARG F 145 17.66 20.38 -0.19
N LEU F 146 16.88 21.43 -0.45
CA LEU F 146 16.34 22.34 0.55
C LEU F 146 14.82 22.26 0.33
N PRO F 147 14.00 22.73 1.31
CA PRO F 147 12.55 22.45 1.24
C PRO F 147 11.87 22.89 -0.07
N GLU F 148 12.22 24.07 -0.57
CA GLU F 148 11.60 24.66 -1.77
C GLU F 148 12.62 24.84 -2.91
N ASN F 149 13.79 24.22 -2.78
CA ASN F 149 14.93 24.42 -3.72
C ASN F 149 15.84 23.23 -3.89
N VAL F 150 16.27 22.98 -5.12
CA VAL F 150 17.39 22.06 -5.32
C VAL F 150 18.51 22.76 -6.08
N LEU F 151 19.76 22.56 -5.63
CA LEU F 151 20.94 23.09 -6.30
C LEU F 151 21.65 21.96 -6.99
N LEU F 152 21.95 22.14 -8.26
CA LEU F 152 22.58 21.13 -9.06
C LEU F 152 23.86 21.70 -9.64
N LYS F 153 24.91 20.89 -9.60
CA LYS F 153 26.20 21.20 -10.19
C LYS F 153 26.49 20.06 -11.15
N PHE F 154 26.75 20.41 -12.40
CA PHE F 154 26.91 19.46 -13.47
C PHE F 154 28.38 19.38 -13.83
N TYR F 155 28.89 18.16 -13.99
CA TYR F 155 30.28 17.93 -14.29
C TYR F 155 30.36 17.06 -15.52
N LYS F 156 31.15 17.51 -16.49
CA LYS F 156 31.42 16.73 -17.67
C LYS F 156 32.56 15.76 -17.35
N ILE F 157 32.41 14.48 -17.67
CA ILE F 157 33.46 13.50 -17.43
C ILE F 157 34.37 13.53 -18.64
N SER F 158 35.62 13.88 -18.37
CA SER F 158 36.66 13.95 -19.40
C SER F 158 37.34 12.61 -19.52
N MET G 9 -9.13 -1.36 -31.79
CA MET G 9 -8.13 -2.38 -31.42
C MET G 9 -8.21 -3.63 -32.30
N ASN G 10 -7.36 -3.67 -33.31
CA ASN G 10 -7.16 -4.87 -34.10
C ASN G 10 -5.69 -5.16 -34.00
N TYR G 11 -5.36 -6.40 -34.32
CA TYR G 11 -3.98 -6.88 -34.37
C TYR G 11 -3.88 -7.89 -35.50
N GLU G 12 -2.67 -8.20 -35.93
CA GLU G 12 -2.48 -9.26 -36.88
C GLU G 12 -1.20 -10.00 -36.61
N GLU G 13 -1.28 -11.32 -36.73
CA GLU G 13 -0.15 -12.16 -36.51
C GLU G 13 0.80 -11.90 -37.66
N VAL G 14 2.08 -11.78 -37.35
CA VAL G 14 3.07 -11.48 -38.35
C VAL G 14 4.04 -12.64 -38.50
N PHE G 15 4.47 -13.19 -37.38
CA PHE G 15 5.37 -14.33 -37.40
C PHE G 15 5.53 -15.00 -36.03
N SER G 16 6.19 -16.13 -36.03
CA SER G 16 6.52 -16.88 -34.82
C SER G 16 7.98 -17.18 -34.78
N ILE G 17 8.51 -17.39 -33.56
CA ILE G 17 9.86 -17.96 -33.34
C ILE G 17 9.77 -19.12 -32.34
N THR G 18 10.43 -20.21 -32.67
CA THR G 18 10.59 -21.31 -31.73
C THR G 18 12.05 -21.27 -31.36
N ILE G 19 12.33 -21.00 -30.10
CA ILE G 19 13.69 -20.78 -29.60
C ILE G 19 14.10 -21.95 -28.71
N THR G 20 15.35 -22.37 -28.86
CA THR G 20 15.95 -23.38 -28.03
C THR G 20 16.91 -22.62 -27.13
N VAL G 21 16.77 -22.82 -25.83
CA VAL G 21 17.57 -22.09 -24.86
C VAL G 21 18.51 -23.08 -24.15
N ASP G 22 19.61 -22.54 -23.63
CA ASP G 22 20.56 -23.33 -22.83
C ASP G 22 20.07 -23.33 -21.40
N LYS G 23 20.80 -23.99 -20.51
CA LYS G 23 20.44 -23.96 -19.10
C LYS G 23 20.73 -22.57 -18.54
N PRO G 24 20.00 -22.15 -17.52
CA PRO G 24 20.19 -20.78 -17.07
C PRO G 24 21.56 -20.55 -16.38
N ILE G 25 22.21 -19.41 -16.63
CA ILE G 25 23.36 -19.01 -15.81
C ILE G 25 22.80 -18.29 -14.58
N LEU G 26 22.92 -18.92 -13.42
CA LEU G 26 22.46 -18.30 -12.18
C LEU G 26 23.48 -17.29 -11.68
N ILE G 27 23.04 -16.08 -11.42
CA ILE G 27 23.94 -15.05 -10.96
C ILE G 27 23.88 -14.97 -9.44
N GLY G 28 22.69 -14.70 -8.91
CA GLY G 28 22.51 -14.71 -7.50
C GLY G 28 21.07 -14.47 -7.17
N GLN G 29 20.80 -14.49 -5.86
CA GLN G 29 19.45 -14.45 -5.39
C GLN G 29 19.39 -13.96 -3.95
N ASP G 30 18.34 -13.18 -3.67
CA ASP G 30 17.97 -12.89 -2.30
C ASP G 30 16.49 -12.51 -2.23
N ASP G 31 16.02 -12.21 -1.02
CA ASP G 31 14.62 -11.99 -0.79
C ASP G 31 14.25 -10.53 -0.95
N ILE G 32 15.17 -9.73 -1.49
CA ILE G 32 14.90 -8.33 -1.74
C ILE G 32 14.74 -8.07 -3.22
N VAL G 33 15.79 -8.40 -4.00
CA VAL G 33 15.73 -8.22 -5.44
C VAL G 33 15.12 -9.42 -6.20
N GLY G 34 15.29 -10.63 -5.67
CA GLY G 34 14.90 -11.85 -6.36
C GLY G 34 16.09 -12.63 -6.93
N ARG G 35 15.80 -13.51 -7.88
CA ARG G 35 16.76 -14.45 -8.48
C ARG G 35 17.06 -14.01 -9.90
N ARG G 36 18.33 -13.61 -10.14
CA ARG G 36 18.79 -13.10 -11.45
C ARG G 36 19.43 -14.24 -12.18
N GLN G 37 19.06 -14.40 -13.45
CA GLN G 37 19.78 -15.33 -14.30
C GLN G 37 19.78 -14.91 -15.78
N LEU G 38 20.80 -15.38 -16.50
CA LEU G 38 20.99 -15.16 -17.91
C LEU G 38 20.71 -16.46 -18.65
N ILE G 39 19.86 -16.39 -19.67
CA ILE G 39 19.43 -17.55 -20.43
C ILE G 39 19.95 -17.39 -21.86
N PRO G 40 21.04 -18.12 -22.19
CA PRO G 40 21.53 -18.18 -23.56
C PRO G 40 20.58 -18.85 -24.55
N ILE G 41 20.35 -18.17 -25.68
CA ILE G 41 19.55 -18.66 -26.81
C ILE G 41 20.51 -19.40 -27.72
N ILE G 42 20.31 -20.72 -27.84
CA ILE G 42 21.17 -21.55 -28.67
C ILE G 42 20.85 -21.33 -30.16
N SER G 43 19.57 -21.44 -30.49
CA SER G 43 19.14 -21.39 -31.87
C SER G 43 17.66 -21.11 -31.91
N GLY G 44 17.13 -20.88 -33.10
CA GLY G 44 15.73 -20.58 -33.20
C GLY G 44 15.28 -20.52 -34.62
N LYS G 45 14.03 -20.92 -34.83
CA LYS G 45 13.44 -20.96 -36.16
C LYS G 45 12.34 -19.89 -36.23
N VAL G 46 12.51 -18.92 -37.14
CA VAL G 46 11.53 -17.88 -37.39
C VAL G 46 10.59 -18.35 -38.52
N SER G 47 9.29 -18.21 -38.34
CA SER G 47 8.38 -18.59 -39.41
C SER G 47 7.11 -17.75 -39.42
N GLY G 48 6.55 -17.62 -40.61
CA GLY G 48 5.39 -16.79 -40.88
C GLY G 48 5.28 -16.64 -42.38
N ASN G 49 4.15 -16.14 -42.86
CA ASN G 49 3.97 -15.91 -44.30
C ASN G 49 4.88 -14.78 -44.74
N ASN G 50 5.77 -15.10 -45.68
CA ASN G 50 6.81 -14.19 -46.14
C ASN G 50 7.67 -13.63 -44.99
N PHE G 51 7.92 -14.45 -43.98
CA PHE G 51 8.71 -14.04 -42.83
C PHE G 51 9.35 -15.28 -42.15
N ASN G 52 10.38 -15.83 -42.80
CA ASN G 52 11.04 -17.07 -42.42
C ASN G 52 12.56 -16.95 -42.35
N GLY G 53 13.16 -17.62 -41.39
CA GLY G 53 14.59 -17.48 -41.15
C GLY G 53 15.04 -18.13 -39.85
N LYS G 54 16.13 -17.62 -39.28
CA LYS G 54 16.72 -18.19 -38.08
C LYS G 54 17.18 -17.12 -37.07
N VAL G 55 17.36 -17.55 -35.82
CA VAL G 55 17.93 -16.70 -34.78
C VAL G 55 19.44 -16.71 -34.93
N LEU G 56 20.06 -15.53 -34.81
CA LEU G 56 21.50 -15.40 -34.91
C LEU G 56 22.22 -15.66 -33.56
N PRO G 57 23.55 -15.86 -33.60
CA PRO G 57 24.29 -15.96 -32.35
C PRO G 57 24.21 -14.68 -31.48
N GLY G 58 24.53 -14.82 -30.19
CA GLY G 58 24.73 -13.68 -29.28
C GLY G 58 23.47 -13.33 -28.49
N GLY G 59 22.46 -14.20 -28.59
CA GLY G 59 21.18 -14.04 -27.90
C GLY G 59 21.24 -14.37 -26.42
N ILE G 60 20.68 -13.49 -25.58
CA ILE G 60 20.57 -13.71 -24.12
C ILE G 60 19.26 -13.14 -23.59
N ASP G 61 18.55 -13.91 -22.77
CA ASP G 61 17.42 -13.40 -21.98
C ASP G 61 17.90 -13.13 -20.55
N SER G 62 17.85 -11.87 -20.15
CA SER G 62 18.21 -11.50 -18.77
C SER G 62 16.92 -11.50 -17.99
N GLN G 63 16.82 -12.37 -16.98
CA GLN G 63 15.60 -12.60 -16.21
C GLN G 63 15.80 -12.40 -14.70
N ILE G 64 14.81 -11.78 -14.06
CA ILE G 64 14.74 -11.74 -12.64
C ILE G 64 13.34 -12.17 -12.16
N VAL G 65 13.34 -13.22 -11.32
CA VAL G 65 12.17 -13.66 -10.60
C VAL G 65 12.15 -12.92 -9.27
N ARG G 66 11.15 -12.08 -9.09
CA ARG G 66 11.02 -11.29 -7.91
C ARG G 66 10.65 -12.15 -6.71
N PRO G 67 10.83 -11.62 -5.50
CA PRO G 67 10.46 -12.47 -4.37
C PRO G 67 8.98 -12.92 -4.40
N ASP G 68 8.06 -12.12 -4.92
CA ASP G 68 6.67 -12.58 -5.01
C ASP G 68 6.43 -13.65 -6.09
N GLY G 69 7.47 -14.02 -6.84
CA GLY G 69 7.31 -14.98 -7.91
C GLY G 69 7.12 -14.41 -9.31
N LYS G 70 6.80 -13.11 -9.45
CA LYS G 70 6.72 -12.56 -10.82
C LYS G 70 8.12 -12.59 -11.48
N CYS G 71 8.13 -12.96 -12.75
CA CYS G 71 9.32 -12.95 -13.56
C CYS G 71 9.33 -11.78 -14.56
N GLU G 72 10.39 -10.99 -14.53
CA GLU G 72 10.58 -9.87 -15.46
C GLU G 72 11.68 -10.26 -16.43
N LEU G 73 11.40 -10.17 -17.73
CA LEU G 73 12.29 -10.69 -18.75
C LEU G 73 12.73 -9.57 -19.70
N SER G 74 13.98 -9.61 -20.15
CA SER G 74 14.49 -8.72 -21.19
C SER G 74 15.47 -9.47 -22.05
N ALA G 75 15.05 -9.84 -23.25
CA ALA G 75 15.92 -10.55 -24.16
C ALA G 75 16.38 -9.62 -25.25
N ARG G 76 17.64 -9.81 -25.64
CA ARG G 76 18.28 -9.09 -26.73
C ARG G 76 18.83 -10.16 -27.65
N TYR G 77 18.33 -10.21 -28.87
CA TYR G 77 18.79 -11.12 -29.91
C TYR G 77 18.41 -10.62 -31.30
N ALA G 78 18.93 -11.29 -32.31
CA ALA G 78 18.75 -10.88 -33.70
C ALA G 78 18.28 -12.07 -34.51
N ILE G 79 17.55 -11.80 -35.59
CA ILE G 79 17.17 -12.84 -36.56
C ILE G 79 17.66 -12.44 -37.94
N ARG G 80 17.86 -13.43 -38.80
CA ARG G 80 18.17 -13.20 -40.22
C ARG G 80 17.19 -13.98 -41.09
N LEU G 81 16.48 -13.26 -41.93
CA LEU G 81 15.49 -13.85 -42.80
C LEU G 81 16.16 -14.50 -44.00
N ASP G 82 15.39 -15.31 -44.70
CA ASP G 82 15.89 -16.01 -45.87
C ASP G 82 16.18 -15.10 -47.06
N ASP G 83 15.61 -13.89 -47.12
CA ASP G 83 16.05 -12.86 -48.08
C ASP G 83 17.31 -12.10 -47.64
N GLY G 84 17.94 -12.58 -46.56
CA GLY G 84 19.17 -12.00 -46.06
C GLY G 84 19.03 -10.83 -45.11
N ALA G 85 17.81 -10.29 -44.95
CA ALA G 85 17.61 -9.14 -44.04
C ALA G 85 17.69 -9.54 -42.55
N ALA G 86 18.29 -8.64 -41.78
CA ALA G 86 18.48 -8.78 -40.35
C ALA G 86 17.54 -7.87 -39.56
N ILE G 87 17.05 -8.40 -38.44
CA ILE G 87 16.21 -7.65 -37.50
C ILE G 87 16.77 -7.91 -36.11
N TYR G 88 17.15 -6.83 -35.41
CA TYR G 88 17.57 -6.90 -34.00
C TYR G 88 16.35 -6.71 -33.11
N ILE G 89 16.21 -7.56 -32.10
CA ILE G 89 15.02 -7.59 -31.23
C ILE G 89 15.40 -7.33 -29.76
N GLU G 90 14.69 -6.41 -29.11
CA GLU G 90 14.70 -6.41 -27.65
C GLU G 90 13.30 -6.71 -27.18
N ASN G 91 13.14 -7.82 -26.48
CA ASN G 91 11.82 -8.29 -26.09
C ASN G 91 11.71 -8.22 -24.57
N ASN G 92 10.86 -7.33 -24.08
CA ASN G 92 10.68 -7.08 -22.64
C ASN G 92 9.28 -7.45 -22.21
N GLY G 93 9.16 -8.32 -21.21
CA GLY G 93 7.87 -8.76 -20.78
C GLY G 93 7.87 -9.36 -19.39
N ILE G 94 6.78 -10.08 -19.12
CA ILE G 94 6.53 -10.64 -17.83
C ILE G 94 5.99 -12.06 -17.94
N ARG G 95 6.36 -12.88 -16.98
CA ARG G 95 5.80 -14.22 -16.83
C ARG G 95 5.37 -14.41 -15.37
N THR G 96 4.06 -14.55 -15.17
CA THR G 96 3.48 -14.79 -13.86
C THR G 96 2.73 -16.14 -13.81
N VAL G 97 2.64 -16.74 -12.63
CA VAL G 97 2.00 -18.05 -12.44
C VAL G 97 1.03 -17.93 -11.27
N PRO G 98 -0.03 -18.77 -11.21
CA PRO G 98 -0.83 -18.86 -9.95
C PRO G 98 -0.04 -19.35 -8.73
N ASP G 99 -0.67 -19.26 -7.57
CA ASP G 99 0.01 -19.31 -6.27
C ASP G 99 0.82 -20.57 -5.93
N GLU G 100 0.30 -21.77 -6.24
CA GLU G 100 1.02 -23.01 -5.85
C GLU G 100 2.31 -23.26 -6.64
N TYR G 101 2.43 -22.60 -7.79
CA TYR G 101 3.61 -22.69 -8.63
C TYR G 101 4.71 -21.69 -8.23
N ILE G 102 4.41 -20.77 -7.30
CA ILE G 102 5.34 -19.67 -6.96
C ILE G 102 6.72 -20.21 -6.56
N GLU G 103 6.74 -21.17 -5.63
CA GLU G 103 8.00 -21.75 -5.12
C GLU G 103 8.73 -22.60 -6.15
N ALA G 104 8.00 -23.17 -7.11
CA ALA G 104 8.61 -23.83 -8.27
C ALA G 104 9.44 -22.84 -9.13
N VAL G 105 8.78 -21.75 -9.53
CA VAL G 105 9.39 -20.71 -10.37
C VAL G 105 10.66 -20.12 -9.75
N LYS G 106 10.68 -20.05 -8.42
CA LYS G 106 11.88 -19.70 -7.66
C LYS G 106 12.25 -20.95 -6.82
N SER G 107 13.11 -21.85 -7.30
CA SER G 107 14.20 -21.60 -8.28
C SER G 107 13.95 -21.75 -9.80
N GLY G 108 13.81 -22.98 -10.29
CA GLY G 108 13.69 -23.24 -11.73
C GLY G 108 12.24 -23.39 -12.17
N PRO G 113 2.93 -24.97 -17.33
CA PRO G 113 3.18 -24.48 -18.71
C PRO G 113 1.92 -23.84 -19.27
N ASN G 114 0.82 -24.56 -19.18
CA ASN G 114 -0.50 -23.95 -19.34
C ASN G 114 -0.82 -22.94 -18.20
N ALA G 115 -0.12 -23.03 -17.08
CA ALA G 115 -0.41 -22.14 -15.95
C ALA G 115 -0.03 -20.68 -16.18
N TYR G 116 1.01 -20.44 -16.99
CA TYR G 116 1.64 -19.12 -17.05
C TYR G 116 0.80 -18.06 -17.72
N TYR G 117 0.87 -16.83 -17.20
CA TYR G 117 0.64 -15.66 -18.03
C TYR G 117 2.02 -15.26 -18.58
N PHE G 118 2.21 -15.28 -19.90
CA PHE G 118 3.51 -14.98 -20.45
C PHE G 118 3.34 -14.10 -21.71
N ARG G 119 3.54 -12.79 -21.53
CA ARG G 119 3.36 -11.80 -22.58
C ARG G 119 4.50 -10.80 -22.60
N THR G 120 4.85 -10.33 -23.78
CA THR G 120 5.95 -9.42 -23.96
C THR G 120 5.65 -8.32 -24.99
N ILE G 121 6.45 -7.26 -24.93
CA ILE G 121 6.49 -6.19 -25.91
C ILE G 121 7.89 -6.23 -26.55
N PRO G 122 7.95 -6.55 -27.86
CA PRO G 122 9.14 -6.39 -28.69
C PRO G 122 9.33 -5.01 -29.33
N THR G 123 10.59 -4.59 -29.39
CA THR G 123 11.07 -3.41 -30.15
C THR G 123 11.99 -3.94 -31.21
N PHE G 124 11.84 -3.45 -32.44
CA PHE G 124 12.64 -3.93 -33.56
C PHE G 124 13.53 -2.82 -34.08
N GLU G 125 14.68 -3.26 -34.60
CA GLU G 125 15.60 -2.46 -35.33
C GLU G 125 15.92 -3.19 -36.64
N THR G 126 15.63 -2.52 -37.77
CA THR G 126 15.78 -3.05 -39.13
C THR G 126 16.66 -2.10 -39.95
N TYR G 127 17.20 -2.62 -41.05
CA TYR G 127 18.28 -1.95 -41.80
C TYR G 127 17.96 -1.78 -43.30
N SER G 128 16.68 -1.88 -43.66
CA SER G 128 16.28 -1.69 -45.05
C SER G 128 14.88 -1.24 -45.18
N PRO G 129 14.59 -0.48 -46.25
CA PRO G 129 13.27 0.09 -46.38
C PRO G 129 12.14 -0.91 -46.36
N LYS G 130 12.37 -2.12 -46.89
CA LYS G 130 11.37 -3.21 -46.89
C LYS G 130 10.85 -3.51 -45.47
N TYR G 131 11.67 -3.24 -44.44
CA TYR G 131 11.36 -3.63 -43.06
C TYR G 131 11.18 -2.45 -42.09
N LYS G 132 11.28 -1.22 -42.56
CA LYS G 132 11.14 -0.07 -41.67
C LYS G 132 9.78 -0.03 -40.99
N TRP G 133 8.77 -0.70 -41.55
CA TRP G 133 7.45 -0.78 -40.91
C TRP G 133 7.54 -1.40 -39.52
N MET G 134 8.55 -2.23 -39.29
CA MET G 134 8.72 -2.86 -38.02
C MET G 134 9.13 -1.88 -36.95
N MET G 135 9.66 -0.71 -37.33
CA MET G 135 10.09 0.28 -36.36
C MET G 135 8.98 1.32 -36.15
N ASN G 136 7.85 1.18 -36.85
CA ASN G 136 6.84 2.22 -36.85
C ASN G 136 5.47 1.74 -36.49
N HIS G 137 5.42 0.54 -35.90
CA HIS G 137 4.21 -0.02 -35.30
C HIS G 137 4.53 -0.55 -33.89
N ILE G 138 3.52 -0.59 -33.05
CA ILE G 138 3.59 -1.24 -31.76
C ILE G 138 3.28 -2.74 -31.97
N PHE G 139 4.01 -3.58 -31.23
CA PHE G 139 3.82 -5.02 -31.29
C PHE G 139 3.59 -5.62 -29.89
N VAL G 140 2.92 -6.78 -29.86
CA VAL G 140 2.74 -7.55 -28.64
C VAL G 140 3.11 -8.99 -28.95
N CYS G 141 3.70 -9.63 -27.98
CA CYS G 141 4.16 -10.99 -28.20
C CYS G 141 3.50 -11.95 -27.18
N CYS G 142 2.88 -13.04 -27.68
CA CYS G 142 2.29 -14.06 -26.83
C CYS G 142 3.23 -15.23 -26.80
N ALA G 143 3.57 -15.71 -25.60
CA ALA G 143 4.67 -16.66 -25.45
C ALA G 143 4.31 -17.83 -24.54
N SER G 144 5.12 -18.86 -24.67
CA SER G 144 4.99 -20.06 -23.91
C SER G 144 6.39 -20.60 -23.62
N ARG G 145 6.58 -21.11 -22.40
CA ARG G 145 7.87 -21.58 -21.89
C ARG G 145 7.81 -23.09 -21.64
N LEU G 146 8.64 -23.81 -22.38
CA LEU G 146 8.79 -25.25 -22.18
C LEU G 146 10.19 -25.43 -21.58
N PRO G 147 10.54 -26.66 -21.14
CA PRO G 147 11.81 -26.93 -20.45
C PRO G 147 13.05 -26.37 -21.15
N GLU G 148 13.16 -26.60 -22.46
CA GLU G 148 14.31 -26.12 -23.19
C GLU G 148 13.95 -25.24 -24.38
N ASN G 149 12.71 -24.76 -24.41
CA ASN G 149 12.22 -23.95 -25.52
C ASN G 149 11.31 -22.83 -25.07
N VAL G 150 11.34 -21.73 -25.80
CA VAL G 150 10.27 -20.74 -25.71
C VAL G 150 9.66 -20.57 -27.12
N LEU G 151 8.32 -20.55 -27.16
CA LEU G 151 7.57 -20.27 -28.38
C LEU G 151 7.06 -18.85 -28.26
N LEU G 152 7.29 -18.07 -29.30
CA LEU G 152 6.88 -16.70 -29.35
C LEU G 152 6.01 -16.49 -30.57
N LYS G 153 4.87 -15.82 -30.40
CA LYS G 153 4.04 -15.36 -31.50
C LYS G 153 3.95 -13.86 -31.47
N PHE G 154 4.26 -13.24 -32.62
CA PHE G 154 4.34 -11.79 -32.74
C PHE G 154 3.12 -11.20 -33.45
N TYR G 155 2.52 -10.19 -32.81
CA TYR G 155 1.34 -9.52 -33.35
C TYR G 155 1.60 -8.06 -33.53
N LYS G 156 1.22 -7.55 -34.68
CA LYS G 156 1.29 -6.15 -34.98
C LYS G 156 -0.03 -5.56 -34.54
N ILE G 157 0.05 -4.47 -33.79
CA ILE G 157 -1.13 -3.74 -33.40
C ILE G 157 -1.46 -2.75 -34.50
N SER G 158 -2.65 -2.95 -35.03
CA SER G 158 -3.19 -2.08 -36.02
C SER G 158 -3.96 -1.02 -35.24
N ASN H 5 2.01 -24.55 -29.61
CA ASN H 5 0.78 -23.96 -29.00
C ASN H 5 1.09 -22.78 -28.04
N ILE H 6 0.16 -21.83 -27.97
CA ILE H 6 0.28 -20.60 -27.19
C ILE H 6 -1.17 -20.17 -26.88
N LYS H 7 -1.39 -19.44 -25.78
CA LYS H 7 -2.74 -18.94 -25.51
C LYS H 7 -2.97 -17.79 -26.51
N GLU H 8 -4.06 -17.87 -27.29
CA GLU H 8 -4.24 -16.90 -28.38
C GLU H 8 -4.26 -15.46 -27.86
N MET H 9 -4.05 -14.54 -28.78
CA MET H 9 -4.06 -13.12 -28.48
C MET H 9 -5.46 -12.68 -28.05
N ASN H 10 -5.64 -12.41 -26.77
CA ASN H 10 -6.92 -11.93 -26.30
C ASN H 10 -6.72 -10.66 -25.51
N TYR H 11 -7.80 -9.90 -25.39
CA TYR H 11 -7.72 -8.64 -24.70
C TYR H 11 -9.10 -8.22 -24.16
N GLU H 12 -9.07 -7.36 -23.15
CA GLU H 12 -10.27 -6.84 -22.52
C GLU H 12 -10.06 -5.33 -22.41
N GLU H 13 -11.00 -4.54 -22.92
CA GLU H 13 -10.89 -3.09 -22.77
C GLU H 13 -11.21 -2.74 -21.33
N VAL H 14 -10.28 -2.08 -20.65
CA VAL H 14 -10.42 -1.88 -19.21
C VAL H 14 -10.89 -0.46 -18.85
N PHE H 15 -10.43 0.55 -19.57
CA PHE H 15 -10.86 1.91 -19.32
C PHE H 15 -10.39 2.87 -20.37
N SER H 16 -11.01 4.03 -20.39
CA SER H 16 -10.65 5.15 -21.25
C SER H 16 -10.35 6.39 -20.46
N ILE H 17 -9.58 7.26 -21.07
CA ILE H 17 -9.27 8.57 -20.50
C ILE H 17 -9.42 9.58 -21.60
N THR H 18 -10.21 10.62 -21.33
CA THR H 18 -10.30 11.78 -22.20
C THR H 18 -9.54 12.88 -21.50
N ILE H 19 -8.45 13.28 -22.15
CA ILE H 19 -7.49 14.21 -21.60
C ILE H 19 -7.61 15.53 -22.30
N THR H 20 -7.58 16.60 -21.54
CA THR H 20 -7.47 17.93 -22.10
C THR H 20 -6.03 18.36 -21.93
N VAL H 21 -5.40 18.81 -23.01
CA VAL H 21 -3.99 19.26 -22.96
C VAL H 21 -3.83 20.77 -23.21
N ASP H 22 -2.80 21.36 -22.61
CA ASP H 22 -2.48 22.77 -22.83
C ASP H 22 -1.68 22.91 -24.13
N LYS H 23 -1.33 24.14 -24.52
CA LYS H 23 -0.50 24.36 -25.71
C LYS H 23 0.86 23.72 -25.47
N PRO H 24 1.50 23.20 -26.54
CA PRO H 24 2.85 22.64 -26.43
C PRO H 24 3.84 23.64 -25.90
N ILE H 25 4.78 23.15 -25.09
CA ILE H 25 5.96 23.93 -24.72
C ILE H 25 7.05 23.47 -25.68
N LEU H 26 7.35 24.28 -26.68
CA LEU H 26 8.31 23.91 -27.69
C LEU H 26 9.69 24.12 -27.12
N ILE H 27 10.50 23.09 -27.11
CA ILE H 27 11.85 23.21 -26.55
C ILE H 27 12.83 23.62 -27.64
N GLY H 28 12.96 22.78 -28.64
CA GLY H 28 13.85 23.07 -29.73
C GLY H 28 13.70 22.09 -30.84
N GLN H 29 14.35 22.39 -31.93
CA GLN H 29 14.25 21.63 -33.14
C GLN H 29 15.54 21.70 -33.91
N ASP H 30 15.98 20.58 -34.44
CA ASP H 30 16.95 20.60 -35.53
C ASP H 30 16.63 19.45 -36.52
N ASP H 31 17.36 19.35 -37.63
CA ASP H 31 17.13 18.32 -38.65
C ASP H 31 17.82 16.95 -38.45
N ILE H 32 18.40 16.66 -37.27
CA ILE H 32 18.87 15.27 -36.95
C ILE H 32 18.08 14.69 -35.77
N VAL H 33 17.92 15.46 -34.70
CA VAL H 33 17.19 14.99 -33.52
C VAL H 33 15.70 15.13 -33.71
N GLY H 34 15.28 16.25 -34.26
CA GLY H 34 13.88 16.49 -34.52
C GLY H 34 13.39 17.61 -33.63
N ARG H 35 12.08 17.64 -33.40
CA ARG H 35 11.38 18.70 -32.66
C ARG H 35 10.87 18.17 -31.32
N ARG H 36 11.37 18.75 -30.22
CA ARG H 36 11.11 18.35 -28.84
C ARG H 36 10.13 19.31 -28.23
N GLN H 37 9.07 18.76 -27.66
CA GLN H 37 8.11 19.56 -26.97
C GLN H 37 7.51 18.80 -25.80
N LEU H 38 7.08 19.58 -24.82
CA LEU H 38 6.39 19.11 -23.62
C LEU H 38 4.94 19.56 -23.66
N ILE H 39 4.03 18.60 -23.47
CA ILE H 39 2.60 18.82 -23.52
C ILE H 39 2.03 18.73 -22.10
N PRO H 40 1.65 19.87 -21.52
CA PRO H 40 1.02 19.79 -20.22
C PRO H 40 -0.38 19.16 -20.28
N ILE H 41 -0.65 18.21 -19.35
CA ILE H 41 -1.98 17.61 -19.22
C ILE H 41 -2.75 18.46 -18.24
N ILE H 42 -3.83 19.11 -18.67
CA ILE H 42 -4.60 19.99 -17.79
C ILE H 42 -5.56 19.19 -16.93
N SER H 43 -6.34 18.34 -17.57
CA SER H 43 -7.29 17.51 -16.88
C SER H 43 -7.56 16.26 -17.72
N GLY H 44 -8.37 15.37 -17.16
CA GLY H 44 -8.72 14.15 -17.82
C GLY H 44 -9.81 13.43 -17.04
N LYS H 45 -10.75 12.84 -17.78
CA LYS H 45 -11.78 12.02 -17.19
C LYS H 45 -11.51 10.56 -17.54
N VAL H 46 -11.57 9.72 -16.49
CA VAL H 46 -11.32 8.29 -16.57
C VAL H 46 -12.64 7.61 -16.43
N SER H 47 -12.93 6.71 -17.39
CA SER H 47 -14.19 5.98 -17.44
C SER H 47 -14.00 4.54 -17.84
N GLY H 48 -14.74 3.67 -17.15
CA GLY H 48 -14.73 2.26 -17.44
C GLY H 48 -15.59 1.54 -16.42
N ASN H 49 -15.81 0.25 -16.65
CA ASN H 49 -16.53 -0.59 -15.72
C ASN H 49 -15.74 -0.72 -14.43
N ASN H 50 -16.30 -0.21 -13.33
CA ASN H 50 -15.60 -0.16 -12.03
C ASN H 50 -14.22 0.52 -12.10
N PHE H 51 -14.11 1.56 -12.91
CA PHE H 51 -12.85 2.24 -13.11
C PHE H 51 -13.10 3.67 -13.57
N ASN H 52 -13.62 4.49 -12.65
CA ASN H 52 -13.94 5.88 -12.89
C ASN H 52 -13.21 6.83 -11.97
N GLY H 53 -12.78 7.94 -12.53
CA GLY H 53 -12.05 8.93 -11.74
C GLY H 53 -11.51 10.03 -12.61
N LYS H 54 -10.42 10.63 -12.15
CA LYS H 54 -9.84 11.73 -12.85
C LYS H 54 -8.33 11.73 -12.85
N VAL H 55 -7.79 12.49 -13.78
CA VAL H 55 -6.35 12.68 -13.91
C VAL H 55 -5.93 13.70 -12.87
N LEU H 56 -4.82 13.42 -12.19
CA LEU H 56 -4.24 14.27 -11.16
C LEU H 56 -3.35 15.36 -11.77
N PRO H 57 -2.96 16.38 -10.98
CA PRO H 57 -2.02 17.37 -11.54
C PRO H 57 -0.60 16.81 -11.77
N GLY H 58 0.24 17.53 -12.50
CA GLY H 58 1.68 17.14 -12.70
C GLY H 58 1.98 16.37 -13.97
N GLY H 59 0.95 16.17 -14.79
CA GLY H 59 1.03 15.41 -16.04
C GLY H 59 1.73 16.13 -17.18
N ILE H 60 2.77 15.50 -17.73
CA ILE H 60 3.48 16.02 -18.91
C ILE H 60 3.71 14.90 -19.91
N ASP H 61 3.42 15.17 -21.20
CA ASP H 61 3.88 14.31 -22.28
C ASP H 61 5.10 14.92 -22.96
N SER H 62 6.20 14.18 -22.92
CA SER H 62 7.43 14.57 -23.54
C SER H 62 7.46 13.87 -24.87
N GLN H 63 7.52 14.68 -25.92
CA GLN H 63 7.38 14.24 -27.29
C GLN H 63 8.53 14.71 -28.14
N ILE H 64 8.95 13.86 -29.07
CA ILE H 64 9.87 14.28 -30.12
C ILE H 64 9.34 13.84 -31.49
N VAL H 65 9.11 14.81 -32.40
CA VAL H 65 8.77 14.52 -33.81
C VAL H 65 10.10 14.40 -34.56
N ARG H 66 10.47 13.18 -34.95
CA ARG H 66 11.75 12.95 -35.58
C ARG H 66 11.74 13.56 -37.01
N PRO H 67 12.94 13.74 -37.61
CA PRO H 67 12.96 14.35 -38.96
C PRO H 67 12.13 13.59 -39.99
N ASP H 68 12.00 12.26 -39.83
CA ASP H 68 11.21 11.47 -40.79
C ASP H 68 9.71 11.63 -40.57
N GLY H 69 9.33 12.37 -39.54
CA GLY H 69 7.94 12.61 -39.25
C GLY H 69 7.32 11.74 -38.17
N LYS H 70 8.03 10.73 -37.67
CA LYS H 70 7.47 9.93 -36.58
C LYS H 70 7.65 10.61 -35.22
N CYS H 71 6.56 10.64 -34.46
CA CYS H 71 6.53 11.19 -33.13
C CYS H 71 6.69 10.07 -32.11
N GLU H 72 7.67 10.24 -31.22
CA GLU H 72 7.86 9.36 -30.07
C GLU H 72 7.35 10.09 -28.86
N LEU H 73 6.49 9.42 -28.12
CA LEU H 73 5.79 10.02 -26.98
C LEU H 73 6.09 9.29 -25.70
N SER H 74 6.28 10.03 -24.61
CA SER H 74 6.46 9.48 -23.27
C SER H 74 5.75 10.34 -22.24
N ALA H 75 4.62 9.88 -21.72
CA ALA H 75 3.84 10.63 -20.77
C ALA H 75 3.98 10.02 -19.37
N ARG H 76 4.07 10.89 -18.38
CA ARG H 76 4.06 10.53 -17.00
C ARG H 76 2.94 11.29 -16.35
N TYR H 77 1.99 10.56 -15.82
CA TYR H 77 0.85 11.18 -15.12
C TYR H 77 0.17 10.15 -14.23
N ALA H 78 -0.83 10.60 -13.47
CA ALA H 78 -1.49 9.74 -12.54
C ALA H 78 -2.96 10.04 -12.50
N ILE H 79 -3.72 9.01 -12.10
CA ILE H 79 -5.17 9.13 -11.96
C ILE H 79 -5.59 8.83 -10.54
N ARG H 80 -6.64 9.52 -10.07
CA ARG H 80 -7.32 9.08 -8.88
C ARG H 80 -8.68 8.53 -9.14
N LEU H 81 -8.92 7.33 -8.60
CA LEU H 81 -10.18 6.67 -8.81
C LEU H 81 -11.14 7.08 -7.72
N ASP H 82 -12.42 6.94 -8.00
CA ASP H 82 -13.41 7.48 -7.08
C ASP H 82 -13.58 6.66 -5.80
N ASP H 83 -12.93 5.50 -5.70
CA ASP H 83 -12.75 4.83 -4.41
C ASP H 83 -11.54 5.36 -3.61
N GLY H 84 -10.79 6.31 -4.16
CA GLY H 84 -9.66 6.95 -3.48
C GLY H 84 -8.27 6.42 -3.85
N ALA H 85 -8.20 5.28 -4.54
CA ALA H 85 -6.95 4.76 -5.07
C ALA H 85 -6.34 5.58 -6.23
N ALA H 86 -5.01 5.50 -6.36
CA ALA H 86 -4.22 6.16 -7.38
C ALA H 86 -3.52 5.13 -8.21
N ILE H 87 -3.28 5.51 -9.47
CA ILE H 87 -2.47 4.76 -10.39
C ILE H 87 -1.52 5.76 -11.05
N TYR H 88 -0.23 5.43 -10.99
CA TYR H 88 0.79 6.13 -11.71
C TYR H 88 1.00 5.53 -13.11
N ILE H 89 1.00 6.38 -14.12
CA ILE H 89 1.09 5.90 -15.49
C ILE H 89 2.32 6.50 -16.17
N GLU H 90 3.17 5.64 -16.73
CA GLU H 90 4.07 6.08 -17.77
C GLU H 90 3.66 5.47 -19.09
N ASN H 91 3.29 6.31 -20.06
CA ASN H 91 2.69 5.83 -21.31
C ASN H 91 3.61 6.13 -22.47
N ASN H 92 4.23 5.09 -23.05
CA ASN H 92 5.25 5.25 -24.10
C ASN H 92 4.77 4.72 -25.42
N GLY H 93 4.83 5.56 -26.45
CA GLY H 93 4.41 5.09 -27.74
C GLY H 93 4.79 5.92 -28.92
N ILE H 94 4.03 5.75 -29.99
CA ILE H 94 4.36 6.38 -31.26
C ILE H 94 3.14 6.96 -31.95
N ARG H 95 3.36 8.03 -32.71
CA ARG H 95 2.32 8.63 -33.54
C ARG H 95 2.92 8.89 -34.92
N THR H 96 2.35 8.25 -35.93
CA THR H 96 2.81 8.44 -37.29
C THR H 96 1.67 8.92 -38.19
N VAL H 97 2.03 9.62 -39.27
CA VAL H 97 1.10 10.01 -40.33
C VAL H 97 1.63 9.56 -41.70
N PRO H 98 0.74 9.41 -42.67
CA PRO H 98 1.19 9.19 -44.06
C PRO H 98 2.06 10.35 -44.62
N ASP H 99 2.83 10.06 -45.65
CA ASP H 99 3.79 11.04 -46.22
C ASP H 99 3.25 12.42 -46.48
N GLU H 100 2.02 12.52 -46.94
CA GLU H 100 1.46 13.82 -47.30
C GLU H 100 1.12 14.70 -46.10
N TYR H 101 1.10 14.13 -44.90
CA TYR H 101 0.80 14.91 -43.69
C TYR H 101 2.06 15.23 -42.90
N ILE H 102 3.21 14.74 -43.36
CA ILE H 102 4.45 14.92 -42.65
C ILE H 102 4.87 16.40 -42.55
N GLU H 103 4.75 17.16 -43.65
CA GLU H 103 5.10 18.59 -43.59
C GLU H 103 4.20 19.28 -42.56
N ALA H 104 2.89 19.02 -42.63
CA ALA H 104 1.95 19.58 -41.67
C ALA H 104 2.33 19.24 -40.23
N VAL H 105 2.83 18.05 -40.02
CA VAL H 105 3.17 17.60 -38.69
C VAL H 105 4.45 18.23 -38.20
N LYS H 106 5.33 18.55 -39.11
CA LYS H 106 6.59 19.08 -38.73
C LYS H 106 6.46 20.55 -38.42
N SER H 107 5.28 21.04 -38.70
CA SER H 107 4.75 22.28 -38.23
C SER H 107 3.83 21.96 -37.07
N GLY H 108 2.52 21.95 -37.32
CA GLY H 108 1.52 21.61 -36.31
C GLY H 108 0.19 21.23 -36.91
N VAL H 111 -3.34 17.72 -37.71
CA VAL H 111 -3.96 17.23 -38.95
C VAL H 111 -5.19 16.36 -38.69
N ASP H 112 -5.85 15.95 -39.76
CA ASP H 112 -6.99 15.03 -39.68
C ASP H 112 -6.66 13.83 -38.76
N PRO H 113 -7.47 13.67 -37.69
CA PRO H 113 -7.29 12.55 -36.75
C PRO H 113 -7.31 11.19 -37.41
N ASN H 114 -8.06 11.00 -38.50
CA ASN H 114 -8.04 9.69 -39.14
C ASN H 114 -6.73 9.39 -39.83
N ALA H 115 -5.88 10.40 -39.98
CA ALA H 115 -4.57 10.22 -40.56
C ALA H 115 -3.62 9.42 -39.62
N TYR H 116 -3.79 9.53 -38.31
CA TYR H 116 -2.79 8.99 -37.36
C TYR H 116 -2.81 7.50 -37.17
N TYR H 117 -1.64 6.88 -37.08
CA TYR H 117 -1.44 5.64 -36.35
C TYR H 117 -0.91 6.11 -34.99
N PHE H 118 -1.68 5.86 -33.92
CA PHE H 118 -1.39 6.41 -32.63
C PHE H 118 -1.63 5.32 -31.56
N ARG H 119 -0.56 4.64 -31.17
CA ARG H 119 -0.59 3.50 -30.28
C ARG H 119 0.53 3.58 -29.26
N THR H 120 0.26 3.16 -28.02
CA THR H 120 1.22 3.23 -26.94
C THR H 120 1.15 2.00 -26.04
N ILE H 121 2.18 1.86 -25.22
CA ILE H 121 2.28 0.82 -24.19
C ILE H 121 2.42 1.50 -22.83
N PRO H 122 1.38 1.41 -21.96
CA PRO H 122 1.45 1.97 -20.63
C PRO H 122 1.97 0.96 -19.64
N THR H 123 2.70 1.49 -18.66
CA THR H 123 3.10 0.79 -17.47
C THR H 123 2.44 1.43 -16.31
N PHE H 124 1.98 0.60 -15.35
CA PHE H 124 1.22 1.10 -14.21
C PHE H 124 1.95 0.84 -12.92
N GLU H 125 1.75 1.73 -11.99
CA GLU H 125 2.12 1.53 -10.58
C GLU H 125 0.94 1.89 -9.66
N THR H 126 0.63 0.99 -8.72
CA THR H 126 -0.60 0.95 -7.95
C THR H 126 -0.22 0.64 -6.51
N TYR H 127 -1.09 1.02 -5.59
CA TYR H 127 -0.72 0.98 -4.16
C TYR H 127 -1.75 0.22 -3.32
N SER H 128 -2.46 -0.74 -3.94
CA SER H 128 -3.37 -1.59 -3.18
C SER H 128 -3.60 -2.92 -3.91
N PRO H 129 -3.97 -4.01 -3.17
CA PRO H 129 -4.17 -5.32 -3.83
C PRO H 129 -5.27 -5.32 -4.88
N LYS H 130 -6.23 -4.41 -4.76
CA LYS H 130 -7.34 -4.34 -5.71
C LYS H 130 -6.81 -4.05 -7.12
N TYR H 131 -5.69 -3.32 -7.21
CA TYR H 131 -5.16 -2.94 -8.51
C TYR H 131 -3.78 -3.49 -8.86
N LYS H 132 -3.27 -4.46 -8.12
CA LYS H 132 -1.93 -4.94 -8.41
C LYS H 132 -1.88 -5.75 -9.70
N TRP H 133 -3.04 -6.18 -10.19
CA TRP H 133 -3.11 -6.83 -11.49
C TRP H 133 -2.62 -5.90 -12.62
N MET H 134 -2.72 -4.58 -12.41
CA MET H 134 -2.32 -3.61 -13.41
C MET H 134 -0.79 -3.60 -13.54
N MET H 135 -0.10 -4.11 -12.54
CA MET H 135 1.36 -4.13 -12.55
C MET H 135 1.81 -5.50 -12.98
N ASN H 136 0.88 -6.38 -13.32
CA ASN H 136 1.17 -7.78 -13.57
C ASN H 136 0.59 -8.30 -14.89
N HIS H 137 0.18 -7.39 -15.75
CA HIS H 137 -0.27 -7.73 -17.09
C HIS H 137 0.34 -6.73 -18.04
N ILE H 138 0.43 -7.13 -19.30
CA ILE H 138 0.82 -6.25 -20.41
C ILE H 138 -0.41 -5.59 -20.98
N PHE H 139 -0.27 -4.31 -21.34
CA PHE H 139 -1.34 -3.45 -21.81
C PHE H 139 -0.92 -2.73 -23.09
N VAL H 140 -1.94 -2.30 -23.84
CA VAL H 140 -1.78 -1.60 -25.12
C VAL H 140 -2.78 -0.47 -25.03
N CYS H 141 -2.44 0.65 -25.65
CA CYS H 141 -3.30 1.81 -25.63
C CYS H 141 -3.55 2.29 -27.07
N CYS H 142 -4.83 2.44 -27.42
CA CYS H 142 -5.23 3.03 -28.69
C CYS H 142 -5.65 4.43 -28.38
N ALA H 143 -5.08 5.38 -29.08
CA ALA H 143 -5.25 6.79 -28.75
C ALA H 143 -5.64 7.54 -30.03
N SER H 144 -6.33 8.68 -29.88
CA SER H 144 -6.53 9.64 -30.99
C SER H 144 -6.31 11.09 -30.52
N ARG H 145 -5.87 11.94 -31.45
CA ARG H 145 -5.50 13.37 -31.20
C ARG H 145 -6.51 14.28 -31.79
N LEU H 146 -7.05 15.16 -30.97
CA LEU H 146 -7.77 16.33 -31.43
C LEU H 146 -6.90 17.51 -30.97
N PRO H 147 -7.21 18.74 -31.41
CA PRO H 147 -6.22 19.80 -31.14
C PRO H 147 -5.93 20.07 -29.65
N GLU H 148 -6.92 19.96 -28.77
CA GLU H 148 -6.72 20.25 -27.33
C GLU H 148 -7.13 19.08 -26.43
N ASN H 149 -7.19 17.89 -27.03
CA ASN H 149 -7.58 16.64 -26.37
C ASN H 149 -6.81 15.46 -26.85
N VAL H 150 -6.79 14.40 -26.03
CA VAL H 150 -6.48 13.07 -26.53
C VAL H 150 -7.42 12.06 -25.85
N LEU H 151 -7.95 11.14 -26.65
CA LEU H 151 -8.78 10.06 -26.12
C LEU H 151 -7.94 8.82 -26.16
N LEU H 152 -7.87 8.15 -25.02
CA LEU H 152 -7.08 6.95 -24.91
C LEU H 152 -8.00 5.82 -24.42
N LYS H 153 -7.80 4.64 -24.99
CA LYS H 153 -8.56 3.46 -24.62
C LYS H 153 -7.51 2.40 -24.31
N PHE H 154 -7.59 1.86 -23.11
CA PHE H 154 -6.60 0.94 -22.57
C PHE H 154 -7.12 -0.47 -22.63
N TYR H 155 -6.27 -1.39 -23.11
CA TYR H 155 -6.64 -2.79 -23.25
C TYR H 155 -5.62 -3.62 -22.48
N LYS H 156 -6.10 -4.49 -21.60
CA LYS H 156 -5.27 -5.46 -20.95
C LYS H 156 -5.09 -6.63 -21.90
N ILE H 157 -3.87 -7.14 -22.03
CA ILE H 157 -3.60 -8.30 -22.85
C ILE H 157 -3.78 -9.53 -21.96
N SER H 158 -4.74 -10.37 -22.32
CA SER H 158 -5.00 -11.59 -21.58
C SER H 158 -4.19 -12.73 -22.15
#